data_4M0R
#
_entry.id   4M0R
#
_cell.length_a   79.484
_cell.length_b   91.760
_cell.length_c   119.750
_cell.angle_alpha   90.00
_cell.angle_beta   90.00
_cell.angle_gamma   90.00
#
_symmetry.space_group_name_H-M   'P 21 21 21'
#
loop_
_entity.id
_entity.type
_entity.pdbx_description
1 polymer 'Anthranilate phosphoribosyltransferase'
2 non-polymer '2,6-bis[(2-carboxyphenyl)amino]benzoic acid'
3 non-polymer GLYCEROL
4 non-polymer 'DIMETHYL SULFOXIDE'
5 non-polymer IMIDAZOLE
6 water water
#
_entity_poly.entity_id   1
_entity_poly.type   'polypeptide(L)'
_entity_poly.pdbx_seq_one_letter_code
;MVALSAEGSSGGSRGGSPKAEAASVPSWPQILGRLTDNRDLARGQAAWAMDQIMTGNARPAQIAAFAVAMTMKAPTADEV
GELAGVMLSHAHPLPADTVPDDAVDVVGTGGDGVNTVNLSTMAAIVVAAAGVPVVKHGNRAASSLSGGADTLEALGVRID
LGPDLVARSLAEVGIGFCFAPRFHPSYRHAAAVRREIGVPTVFNLLGPLTNPARPRAGLIGCAFADLAEVMAGVFAARRS
SVLVVHGDDGLDELTTTTTSTIWRVAAGSVDKLTFDPAGFGFARAQLDQLAGGDAQANAAAVRAVLGGARGPVRDAVVLN
AAGAIVAHAGLSSRAEWLPAWEEGLRRASAAIDTGAAEQLLARWVRFGRQILEHHHHHH
;
_entity_poly.pdbx_strand_id   A,B
#
# COMPACT_ATOMS: atom_id res chain seq x y z
N PRO A 26 -0.68 -11.79 -16.47
CA PRO A 26 -0.74 -10.95 -15.27
C PRO A 26 0.49 -11.10 -14.41
N SER A 27 0.82 -10.05 -13.67
CA SER A 27 1.95 -10.09 -12.75
C SER A 27 1.71 -9.09 -11.63
N TRP A 28 2.48 -9.21 -10.55
CA TRP A 28 2.39 -8.22 -9.47
C TRP A 28 2.70 -6.79 -9.90
N PRO A 29 3.77 -6.57 -10.70
CA PRO A 29 4.02 -5.19 -11.10
C PRO A 29 2.89 -4.58 -11.93
N GLN A 30 2.23 -5.41 -12.73
CA GLN A 30 1.13 -4.95 -13.57
C GLN A 30 -0.12 -4.58 -12.74
N ILE A 31 -0.50 -5.49 -11.85
CA ILE A 31 -1.66 -5.29 -10.98
C ILE A 31 -1.42 -4.18 -9.95
N LEU A 32 -0.28 -4.24 -9.26
CA LEU A 32 0.04 -3.20 -8.28
C LEU A 32 0.13 -1.83 -8.95
N GLY A 33 0.72 -1.78 -10.15
CA GLY A 33 0.88 -0.52 -10.86
C GLY A 33 -0.44 0.10 -11.26
N ARG A 34 -1.38 -0.76 -11.63
CA ARG A 34 -2.70 -0.30 -12.02
C ARG A 34 -3.41 0.27 -10.78
N LEU A 35 -3.32 -0.43 -9.65
CA LEU A 35 -3.90 0.08 -8.40
C LEU A 35 -3.27 1.39 -7.92
N THR A 36 -1.94 1.48 -7.93
CA THR A 36 -1.29 2.71 -7.48
C THR A 36 -1.58 3.87 -8.43
N ASP A 37 -1.94 3.56 -9.67
CA ASP A 37 -2.41 4.57 -10.63
C ASP A 37 -3.87 4.93 -10.38
N ASN A 38 -4.43 4.41 -9.29
CA ASN A 38 -5.83 4.65 -8.92
CA ASN A 38 -5.83 4.64 -8.93
C ASN A 38 -6.81 4.20 -10.01
N ARG A 39 -6.47 3.09 -10.68
CA ARG A 39 -7.35 2.53 -11.71
C ARG A 39 -8.01 1.24 -11.23
N ASP A 40 -9.27 1.03 -11.61
CA ASP A 40 -9.91 -0.26 -11.35
C ASP A 40 -9.17 -1.37 -12.10
N LEU A 41 -9.14 -2.55 -11.53
CA LEU A 41 -8.51 -3.69 -12.20
C LEU A 41 -9.33 -4.18 -13.38
N ALA A 42 -8.66 -4.85 -14.31
CA ALA A 42 -9.33 -5.56 -15.39
C ALA A 42 -9.96 -6.80 -14.81
N ARG A 43 -11.04 -7.29 -15.44
CA ARG A 43 -11.73 -8.49 -14.96
C ARG A 43 -10.74 -9.65 -14.90
N GLY A 44 -10.71 -10.40 -13.79
CA GLY A 44 -9.78 -11.51 -13.68
C GLY A 44 -8.49 -11.20 -12.92
N GLN A 45 -8.07 -9.94 -12.89
CA GLN A 45 -6.86 -9.56 -12.18
C GLN A 45 -6.92 -9.75 -10.65
N ALA A 46 -8.00 -9.30 -10.02
CA ALA A 46 -8.16 -9.51 -8.58
C ALA A 46 -8.15 -11.01 -8.27
N ALA A 47 -8.80 -11.79 -9.13
CA ALA A 47 -8.86 -13.22 -8.93
C ALA A 47 -7.48 -13.86 -9.04
N TRP A 48 -6.69 -13.40 -10.01
CA TRP A 48 -5.31 -13.91 -10.16
C TRP A 48 -4.50 -13.63 -8.91
N ALA A 49 -4.58 -12.40 -8.42
CA ALA A 49 -3.86 -12.02 -7.20
C ALA A 49 -4.29 -12.90 -6.03
N MET A 50 -5.60 -13.09 -5.89
CA MET A 50 -6.10 -13.81 -4.72
C MET A 50 -5.65 -15.26 -4.79
N ASP A 51 -5.60 -15.80 -6.01
CA ASP A 51 -5.23 -17.21 -6.17
C ASP A 51 -3.75 -17.41 -5.86
N GLN A 52 -2.92 -16.43 -6.25
CA GLN A 52 -1.51 -16.42 -5.88
C GLN A 52 -1.37 -16.41 -4.35
N ILE A 53 -2.17 -15.56 -3.70
CA ILE A 53 -2.16 -15.49 -2.24
C ILE A 53 -2.59 -16.81 -1.62
N MET A 54 -3.65 -17.43 -2.16
CA MET A 54 -4.21 -18.63 -1.54
C MET A 54 -3.34 -19.87 -1.79
N THR A 55 -2.45 -19.81 -2.77
CA THR A 55 -1.66 -20.99 -3.11
C THR A 55 -0.24 -20.96 -2.52
N GLY A 56 0.04 -19.95 -1.71
CA GLY A 56 1.37 -19.82 -1.15
C GLY A 56 2.41 -19.25 -2.11
N ASN A 57 1.96 -18.73 -3.24
CA ASN A 57 2.88 -18.18 -4.24
C ASN A 57 3.17 -16.70 -4.15
N ALA A 58 2.47 -15.99 -3.28
CA ALA A 58 2.66 -14.56 -3.13
C ALA A 58 3.64 -14.31 -1.99
N ARG A 59 4.64 -13.46 -2.20
CA ARG A 59 5.50 -13.01 -1.11
C ARG A 59 4.70 -12.15 -0.14
N PRO A 60 5.03 -12.18 1.15
CA PRO A 60 4.36 -11.31 2.12
C PRO A 60 4.33 -9.84 1.69
N ALA A 61 5.43 -9.35 1.13
CA ALA A 61 5.47 -7.98 0.61
C ALA A 61 4.43 -7.76 -0.49
N GLN A 62 4.25 -8.76 -1.35
CA GLN A 62 3.23 -8.66 -2.39
C GLN A 62 1.84 -8.64 -1.80
N ILE A 63 1.59 -9.53 -0.84
CA ILE A 63 0.29 -9.61 -0.19
C ILE A 63 -0.07 -8.25 0.42
N ALA A 64 0.88 -7.68 1.15
CA ALA A 64 0.63 -6.41 1.85
C ALA A 64 0.46 -5.24 0.88
N ALA A 65 1.28 -5.20 -0.16
CA ALA A 65 1.17 -4.14 -1.16
C ALA A 65 -0.20 -4.20 -1.82
N PHE A 66 -0.64 -5.40 -2.15
CA PHE A 66 -1.94 -5.57 -2.81
C PHE A 66 -3.09 -5.17 -1.89
N ALA A 67 -3.03 -5.60 -0.63
CA ALA A 67 -4.11 -5.30 0.31
C ALA A 67 -4.24 -3.80 0.48
N VAL A 68 -3.09 -3.13 0.63
CA VAL A 68 -3.09 -1.70 0.87
C VAL A 68 -3.53 -0.95 -0.38
N ALA A 69 -2.96 -1.31 -1.54
CA ALA A 69 -3.28 -0.61 -2.78
C ALA A 69 -4.76 -0.76 -3.12
N MET A 70 -5.31 -1.95 -2.91
CA MET A 70 -6.72 -2.18 -3.18
C MET A 70 -7.57 -1.29 -2.27
N THR A 71 -7.16 -1.17 -1.01
CA THR A 71 -7.88 -0.34 -0.05
C THR A 71 -7.88 1.14 -0.43
N MET A 72 -6.70 1.64 -0.81
CA MET A 72 -6.57 3.07 -1.06
C MET A 72 -7.12 3.48 -2.43
N LYS A 73 -7.17 2.54 -3.37
CA LYS A 73 -7.78 2.79 -4.67
C LYS A 73 -9.32 2.91 -4.51
N ALA A 74 -9.86 2.15 -3.56
CA ALA A 74 -11.30 1.92 -3.30
C ALA A 74 -11.82 0.77 -4.12
N PRO A 75 -12.02 -0.38 -3.45
CA PRO A 75 -12.38 -1.60 -4.17
C PRO A 75 -13.77 -1.48 -4.79
N THR A 76 -14.01 -2.17 -5.90
CA THR A 76 -15.34 -2.28 -6.47
C THR A 76 -15.97 -3.61 -6.08
N ALA A 77 -17.29 -3.71 -6.25
CA ALA A 77 -17.98 -4.98 -6.02
C ALA A 77 -17.45 -6.11 -6.90
N ASP A 78 -17.14 -5.79 -8.16
CA ASP A 78 -16.59 -6.83 -9.03
C ASP A 78 -15.26 -7.37 -8.48
N GLU A 79 -14.36 -6.47 -8.10
CA GLU A 79 -13.08 -6.88 -7.51
C GLU A 79 -13.26 -7.68 -6.22
N VAL A 80 -14.10 -7.19 -5.31
CA VAL A 80 -14.28 -7.86 -4.03
C VAL A 80 -14.96 -9.24 -4.23
N GLY A 81 -15.86 -9.30 -5.21
CA GLY A 81 -16.50 -10.54 -5.60
C GLY A 81 -15.46 -11.55 -6.06
N GLU A 82 -14.45 -11.12 -6.80
CA GLU A 82 -13.40 -12.06 -7.21
C GLU A 82 -12.57 -12.54 -6.02
N LEU A 83 -12.20 -11.62 -5.13
CA LEU A 83 -11.41 -11.98 -3.96
C LEU A 83 -12.17 -13.02 -3.13
N ALA A 84 -13.42 -12.72 -2.80
CA ALA A 84 -14.23 -13.63 -1.98
C ALA A 84 -14.46 -14.97 -2.67
N GLY A 85 -14.72 -14.90 -3.97
CA GLY A 85 -15.03 -16.09 -4.75
C GLY A 85 -13.85 -17.03 -4.82
N VAL A 86 -12.66 -16.50 -5.04
CA VAL A 86 -11.46 -17.32 -5.07
C VAL A 86 -11.18 -17.89 -3.70
N MET A 87 -11.33 -17.06 -2.67
CA MET A 87 -11.16 -17.55 -1.32
C MET A 87 -12.11 -18.70 -0.98
N LEU A 88 -13.39 -18.53 -1.34
CA LEU A 88 -14.37 -19.59 -1.11
C LEU A 88 -14.00 -20.90 -1.83
N SER A 89 -13.44 -20.78 -3.03
CA SER A 89 -13.06 -21.98 -3.78
C SER A 89 -11.98 -22.80 -3.07
N HIS A 90 -11.26 -22.19 -2.12
CA HIS A 90 -10.25 -22.92 -1.37
C HIS A 90 -10.76 -23.44 -0.02
N ALA A 91 -11.99 -23.11 0.33
CA ALA A 91 -12.51 -23.42 1.65
C ALA A 91 -13.10 -24.83 1.75
N HIS A 92 -13.06 -25.39 2.95
CA HIS A 92 -13.81 -26.61 3.22
C HIS A 92 -15.28 -26.28 3.31
N PRO A 93 -16.13 -27.04 2.62
CA PRO A 93 -17.58 -26.87 2.73
C PRO A 93 -18.15 -27.68 3.89
N LEU A 94 -19.40 -27.41 4.23
CA LEU A 94 -20.13 -28.31 5.12
C LEU A 94 -20.62 -29.50 4.30
N PRO A 95 -20.90 -30.64 4.95
CA PRO A 95 -21.29 -31.82 4.16
C PRO A 95 -22.55 -31.58 3.32
N ALA A 96 -22.66 -32.29 2.20
CA ALA A 96 -23.79 -32.20 1.28
C ALA A 96 -25.15 -32.17 1.99
N ASP A 97 -25.99 -31.20 1.61
CA ASP A 97 -27.35 -31.05 2.16
C ASP A 97 -27.46 -31.04 3.69
N THR A 98 -26.57 -30.32 4.37
CA THR A 98 -26.66 -30.22 5.82
C THR A 98 -26.90 -28.78 6.25
N VAL A 99 -26.91 -27.87 5.29
CA VAL A 99 -27.20 -26.48 5.60
C VAL A 99 -28.57 -26.12 5.03
N PRO A 100 -29.51 -25.77 5.93
CA PRO A 100 -30.88 -25.42 5.51
C PRO A 100 -30.81 -24.32 4.47
N ASP A 101 -31.71 -24.36 3.48
CA ASP A 101 -31.71 -23.34 2.43
C ASP A 101 -31.94 -21.94 2.97
N ASP A 102 -32.43 -21.84 4.20
CA ASP A 102 -32.81 -20.55 4.75
C ASP A 102 -31.95 -20.16 5.95
N ALA A 103 -30.74 -20.71 6.05
CA ALA A 103 -29.81 -20.31 7.11
C ALA A 103 -29.40 -18.86 6.94
N VAL A 104 -29.16 -18.17 8.05
CA VAL A 104 -28.73 -16.78 8.00
C VAL A 104 -27.45 -16.55 8.77
N ASP A 105 -26.75 -15.48 8.42
CA ASP A 105 -25.59 -15.05 9.18
C ASP A 105 -25.96 -13.72 9.86
N VAL A 106 -25.30 -13.39 10.97
CA VAL A 106 -25.45 -12.09 11.59
C VAL A 106 -24.06 -11.67 12.03
N VAL A 107 -23.51 -10.63 11.42
CA VAL A 107 -22.13 -10.28 11.70
C VAL A 107 -21.78 -8.88 11.21
N GLY A 108 -20.79 -8.25 11.83
CA GLY A 108 -20.27 -6.98 11.37
C GLY A 108 -18.83 -7.15 10.93
N THR A 109 -18.37 -6.27 10.04
CA THR A 109 -16.99 -6.34 9.53
C THR A 109 -15.96 -5.66 10.44
N GLY A 110 -16.41 -5.00 11.50
CA GLY A 110 -15.50 -4.35 12.43
C GLY A 110 -15.44 -2.84 12.22
N VAL A 114 -12.31 -0.98 17.74
CA VAL A 114 -13.66 -1.05 18.30
C VAL A 114 -14.53 -2.07 17.54
N ASN A 115 -15.37 -2.82 18.26
CA ASN A 115 -16.25 -3.79 17.62
C ASN A 115 -17.60 -3.99 18.30
N THR A 116 -18.47 -4.73 17.64
CA THR A 116 -19.80 -5.00 18.15
C THR A 116 -20.03 -6.50 18.23
N VAL A 117 -18.96 -7.25 18.45
CA VAL A 117 -19.06 -8.69 18.66
C VAL A 117 -20.07 -9.02 19.76
N ASN A 118 -20.13 -8.18 20.80
CA ASN A 118 -21.16 -8.34 21.82
C ASN A 118 -22.56 -8.38 21.19
N LEU A 119 -22.85 -7.41 20.32
CA LEU A 119 -24.18 -7.29 19.74
C LEU A 119 -24.50 -8.44 18.79
N SER A 120 -23.56 -8.75 17.91
CA SER A 120 -23.80 -9.74 16.87
C SER A 120 -23.86 -11.14 17.47
N THR A 121 -23.09 -11.38 18.53
CA THR A 121 -23.19 -12.65 19.25
C THR A 121 -24.58 -12.86 19.88
N MET A 122 -25.08 -11.84 20.57
CA MET A 122 -26.39 -11.94 21.19
C MET A 122 -27.48 -12.04 20.13
N ALA A 123 -27.39 -11.20 19.11
CA ALA A 123 -28.40 -11.20 18.05
C ALA A 123 -28.51 -12.59 17.43
N ALA A 124 -27.37 -13.20 17.12
CA ALA A 124 -27.33 -14.54 16.54
C ALA A 124 -28.09 -15.58 17.39
N ILE A 125 -27.85 -15.57 18.70
CA ILE A 125 -28.54 -16.49 19.61
C ILE A 125 -30.05 -16.17 19.63
N VAL A 126 -30.40 -14.89 19.67
CA VAL A 126 -31.81 -14.50 19.68
C VAL A 126 -32.48 -14.97 18.39
N VAL A 127 -31.81 -14.77 17.25
CA VAL A 127 -32.36 -15.16 15.97
C VAL A 127 -32.61 -16.66 15.90
N ALA A 128 -31.64 -17.45 16.34
CA ALA A 128 -31.80 -18.89 16.31
C ALA A 128 -32.92 -19.32 17.28
N ALA A 129 -33.03 -18.61 18.39
CA ALA A 129 -34.09 -18.89 19.37
C ALA A 129 -35.47 -18.52 18.81
N ALA A 130 -35.52 -17.60 17.86
CA ALA A 130 -36.78 -17.28 17.21
C ALA A 130 -37.18 -18.34 16.19
N GLY A 131 -36.30 -19.32 15.96
CA GLY A 131 -36.63 -20.42 15.05
C GLY A 131 -35.93 -20.35 13.71
N VAL A 132 -35.00 -19.39 13.54
CA VAL A 132 -34.28 -19.23 12.27
C VAL A 132 -32.90 -19.86 12.36
N PRO A 133 -32.54 -20.75 11.41
CA PRO A 133 -31.22 -21.38 11.51
C PRO A 133 -30.12 -20.35 11.30
N VAL A 134 -29.10 -20.38 12.13
CA VAL A 134 -28.02 -19.42 12.06
C VAL A 134 -26.73 -20.16 11.90
N VAL A 135 -25.88 -19.71 10.98
CA VAL A 135 -24.55 -20.25 10.95
C VAL A 135 -23.54 -19.11 10.85
N LYS A 136 -22.68 -19.04 11.86
CA LYS A 136 -21.68 -17.97 11.97
C LYS A 136 -20.29 -18.45 11.57
N HIS A 137 -19.38 -17.48 11.49
CA HIS A 137 -18.06 -17.68 10.93
C HIS A 137 -17.14 -16.72 11.68
N GLY A 138 -16.09 -17.22 12.29
CA GLY A 138 -15.18 -16.34 13.01
C GLY A 138 -13.92 -16.96 13.56
N ASN A 139 -13.13 -16.14 14.22
CA ASN A 139 -11.84 -16.57 14.73
C ASN A 139 -11.61 -16.02 16.13
N ARG A 140 -10.63 -16.59 16.83
CA ARG A 140 -10.12 -15.96 18.05
C ARG A 140 -9.30 -14.76 17.62
N ALA A 141 -9.31 -13.71 18.43
CA ALA A 141 -8.54 -12.50 18.13
C ALA A 141 -7.34 -12.34 19.06
N ALA A 142 -6.31 -11.65 18.58
CA ALA A 142 -5.16 -11.34 19.41
C ALA A 142 -5.49 -10.22 20.37
N SER A 143 -6.37 -9.31 19.93
CA SER A 143 -6.72 -8.11 20.68
C SER A 143 -7.36 -8.38 22.04
N SER A 144 -7.30 -7.38 22.92
CA SER A 144 -8.04 -7.42 24.18
C SER A 144 -9.54 -7.31 23.88
N LEU A 145 -9.87 -6.68 22.76
CA LEU A 145 -11.26 -6.69 22.28
C LEU A 145 -11.57 -8.04 21.66
N SER A 146 -12.68 -8.64 22.07
CA SER A 146 -13.02 -10.01 21.68
C SER A 146 -13.27 -10.21 20.19
N GLY A 147 -12.78 -11.32 19.65
CA GLY A 147 -13.22 -11.79 18.35
C GLY A 147 -14.56 -12.48 18.55
N GLY A 148 -15.16 -12.97 17.47
CA GLY A 148 -16.43 -13.66 17.58
C GLY A 148 -16.31 -14.91 18.44
N ALA A 149 -15.29 -15.70 18.15
CA ALA A 149 -15.07 -16.98 18.80
C ALA A 149 -14.81 -16.85 20.30
N ASP A 150 -14.09 -15.81 20.70
CA ASP A 150 -13.67 -15.62 22.09
C ASP A 150 -14.85 -15.47 23.03
N THR A 151 -15.79 -14.61 22.68
CA THR A 151 -16.98 -14.42 23.51
C THR A 151 -17.74 -15.74 23.67
N LEU A 152 -17.91 -16.47 22.57
CA LEU A 152 -18.60 -17.77 22.61
C LEU A 152 -17.89 -18.78 23.50
N GLU A 153 -16.56 -18.86 23.42
CA GLU A 153 -15.78 -19.73 24.30
C GLU A 153 -15.98 -19.36 25.77
N ALA A 154 -16.00 -18.06 26.05
CA ALA A 154 -16.21 -17.57 27.42
C ALA A 154 -17.58 -17.98 27.94
N LEU A 155 -18.51 -18.23 27.01
CA LEU A 155 -19.84 -18.67 27.38
C LEU A 155 -19.91 -20.19 27.54
N GLY A 156 -18.82 -20.86 27.21
CA GLY A 156 -18.76 -22.31 27.32
C GLY A 156 -19.07 -23.05 26.03
N VAL A 157 -19.22 -22.32 24.93
CA VAL A 157 -19.50 -22.94 23.65
C VAL A 157 -18.22 -23.52 23.05
N ARG A 158 -18.29 -24.71 22.45
CA ARG A 158 -17.13 -25.31 21.82
C ARG A 158 -17.02 -24.81 20.37
N ILE A 159 -16.01 -23.99 20.08
CA ILE A 159 -15.96 -23.27 18.80
C ILE A 159 -15.21 -23.95 17.65
N ASP A 160 -14.30 -24.87 17.95
CA ASP A 160 -13.49 -25.48 16.89
C ASP A 160 -13.99 -26.87 16.55
N LEU A 161 -15.01 -26.93 15.70
CA LEU A 161 -15.58 -28.20 15.29
C LEU A 161 -15.41 -28.40 13.80
N GLY A 162 -15.28 -29.66 13.39
CA GLY A 162 -15.20 -30.01 11.99
C GLY A 162 -16.53 -29.87 11.29
N PRO A 163 -16.54 -29.98 9.95
CA PRO A 163 -17.75 -29.77 9.14
C PRO A 163 -18.92 -30.67 9.54
N ASP A 164 -18.65 -31.94 9.84
CA ASP A 164 -19.72 -32.86 10.21
C ASP A 164 -20.35 -32.42 11.53
N LEU A 165 -19.53 -31.98 12.46
CA LEU A 165 -20.05 -31.57 13.77
C LEU A 165 -20.79 -30.22 13.71
N VAL A 166 -20.30 -29.27 12.91
CA VAL A 166 -21.00 -28.00 12.70
C VAL A 166 -22.39 -28.28 12.16
N ALA A 167 -22.46 -29.26 11.25
CA ALA A 167 -23.72 -29.68 10.66
C ALA A 167 -24.68 -30.31 11.68
N ARG A 168 -24.17 -31.18 12.54
CA ARG A 168 -24.97 -31.74 13.63
C ARG A 168 -25.51 -30.64 14.55
N SER A 169 -24.64 -29.71 14.91
CA SER A 169 -25.02 -28.56 15.74
C SER A 169 -26.21 -27.82 15.13
N LEU A 170 -26.12 -27.55 13.83
CA LEU A 170 -27.19 -26.87 13.12
C LEU A 170 -28.50 -27.64 13.22
N ALA A 171 -28.43 -28.95 12.99
CA ALA A 171 -29.63 -29.80 13.01
C ALA A 171 -30.23 -29.93 14.40
N GLU A 172 -29.39 -29.97 15.42
CA GLU A 172 -29.86 -30.29 16.75
C GLU A 172 -30.04 -29.07 17.66
N VAL A 173 -29.27 -28.02 17.40
CA VAL A 173 -29.33 -26.81 18.22
C VAL A 173 -29.97 -25.66 17.45
N GLY A 174 -29.87 -25.69 16.12
CA GLY A 174 -30.39 -24.62 15.29
C GLY A 174 -29.38 -23.49 15.11
N ILE A 175 -28.16 -23.73 15.54
CA ILE A 175 -27.07 -22.77 15.34
C ILE A 175 -25.74 -23.51 15.20
N GLY A 176 -24.82 -22.94 14.42
CA GLY A 176 -23.51 -23.52 14.23
C GLY A 176 -22.48 -22.43 14.09
N PHE A 177 -21.23 -22.77 14.35
CA PHE A 177 -20.13 -21.82 14.23
C PHE A 177 -18.98 -22.46 13.47
N CYS A 178 -18.60 -21.85 12.36
CA CYS A 178 -17.44 -22.31 11.60
C CYS A 178 -16.19 -21.56 12.05
N PHE A 179 -15.25 -22.27 12.67
CA PHE A 179 -13.98 -21.70 13.12
C PHE A 179 -13.14 -21.42 11.87
N ALA A 180 -12.94 -20.14 11.56
CA ALA A 180 -12.29 -19.70 10.30
C ALA A 180 -11.00 -20.46 9.89
N PRO A 181 -10.02 -20.57 10.80
CA PRO A 181 -8.77 -21.29 10.45
C PRO A 181 -8.98 -22.74 10.03
N ARG A 182 -9.99 -23.42 10.57
CA ARG A 182 -10.22 -24.80 10.17
C ARG A 182 -10.83 -24.88 8.79
N PHE A 183 -11.66 -23.91 8.44
CA PHE A 183 -12.39 -23.96 7.19
C PHE A 183 -11.66 -23.25 6.05
N HIS A 184 -10.74 -22.35 6.40
CA HIS A 184 -9.94 -21.62 5.42
C HIS A 184 -8.44 -21.78 5.68
N PRO A 185 -7.92 -23.02 5.69
CA PRO A 185 -6.48 -23.18 6.01
C PRO A 185 -5.56 -22.46 5.03
N SER A 186 -5.97 -22.33 3.76
CA SER A 186 -5.11 -21.74 2.74
C SER A 186 -5.04 -20.21 2.83
N TYR A 187 -5.85 -19.63 3.69
CA TYR A 187 -5.81 -18.18 3.93
C TYR A 187 -4.72 -17.79 4.94
N ARG A 188 -3.90 -18.74 5.36
CA ARG A 188 -2.97 -18.48 6.46
C ARG A 188 -1.92 -17.39 6.17
N HIS A 189 -1.46 -17.30 4.92
CA HIS A 189 -0.45 -16.29 4.60
C HIS A 189 -1.06 -14.89 4.61
N ALA A 190 -2.27 -14.77 4.06
CA ALA A 190 -2.98 -13.49 4.12
C ALA A 190 -3.22 -13.08 5.56
N ALA A 191 -3.65 -14.02 6.40
CA ALA A 191 -3.99 -13.71 7.78
C ALA A 191 -2.77 -13.23 8.54
N ALA A 192 -1.64 -13.89 8.31
CA ALA A 192 -0.37 -13.49 8.93
C ALA A 192 0.02 -12.06 8.57
N VAL A 193 -0.05 -11.74 7.27
CA VAL A 193 0.28 -10.42 6.79
C VAL A 193 -0.64 -9.37 7.41
N ARG A 194 -1.93 -9.68 7.48
CA ARG A 194 -2.90 -8.73 8.00
C ARG A 194 -2.62 -8.39 9.47
N ARG A 195 -2.13 -9.37 10.22
CA ARG A 195 -1.76 -9.13 11.61
C ARG A 195 -0.47 -8.31 11.70
N GLU A 196 0.43 -8.55 10.75
CA GLU A 196 1.70 -7.85 10.75
C GLU A 196 1.48 -6.36 10.49
N ILE A 197 0.55 -6.02 9.60
CA ILE A 197 0.34 -4.62 9.28
C ILE A 197 -0.72 -3.94 10.13
N GLY A 198 -1.66 -4.73 10.63
CA GLY A 198 -2.61 -4.22 11.63
C GLY A 198 -3.73 -3.39 11.06
N VAL A 199 -3.39 -2.51 10.11
CA VAL A 199 -4.34 -1.55 9.54
C VAL A 199 -5.51 -2.27 8.83
N PRO A 200 -6.74 -1.75 8.99
CA PRO A 200 -7.88 -2.32 8.25
C PRO A 200 -7.69 -2.19 6.74
N THR A 201 -8.01 -3.25 6.00
CA THR A 201 -7.94 -3.21 4.55
C THR A 201 -9.17 -3.87 3.97
N VAL A 202 -9.23 -3.91 2.65
CA VAL A 202 -10.29 -4.61 1.93
C VAL A 202 -10.44 -6.05 2.41
N PHE A 203 -9.36 -6.64 2.91
CA PHE A 203 -9.44 -8.01 3.42
C PHE A 203 -10.36 -8.17 4.62
N ASN A 204 -10.58 -7.08 5.37
CA ASN A 204 -11.53 -7.09 6.48
C ASN A 204 -12.98 -7.37 6.02
N LEU A 205 -13.25 -7.17 4.72
CA LEU A 205 -14.58 -7.45 4.15
C LEU A 205 -14.85 -8.92 3.88
N LEU A 206 -13.78 -9.72 3.81
CA LEU A 206 -13.90 -11.08 3.31
C LEU A 206 -14.60 -12.05 4.28
N GLY A 207 -14.52 -11.78 5.58
CA GLY A 207 -15.11 -12.67 6.57
C GLY A 207 -16.58 -12.99 6.35
N PRO A 208 -17.43 -11.96 6.31
CA PRO A 208 -18.86 -12.17 6.03
C PRO A 208 -19.11 -12.60 4.60
N LEU A 209 -18.16 -12.34 3.73
CA LEU A 209 -18.35 -12.74 2.35
C LEU A 209 -17.91 -14.19 2.12
N THR A 210 -17.24 -14.80 3.10
CA THR A 210 -16.69 -16.15 2.89
C THR A 210 -17.10 -17.16 3.97
N ASN A 211 -18.29 -16.97 4.53
CA ASN A 211 -18.88 -17.93 5.45
C ASN A 211 -18.95 -19.27 4.71
N PRO A 212 -18.26 -20.29 5.24
CA PRO A 212 -18.12 -21.54 4.47
C PRO A 212 -19.42 -22.33 4.34
N ALA A 213 -20.41 -22.01 5.17
CA ALA A 213 -21.72 -22.63 5.04
C ALA A 213 -22.55 -21.97 3.94
N ARG A 214 -22.04 -20.87 3.38
CA ARG A 214 -22.72 -20.11 2.33
C ARG A 214 -24.21 -19.83 2.58
N PRO A 215 -24.55 -19.24 3.72
CA PRO A 215 -25.97 -18.95 3.98
C PRO A 215 -26.45 -17.89 2.99
N ARG A 216 -27.71 -17.97 2.61
CA ARG A 216 -28.23 -17.11 1.54
C ARG A 216 -28.91 -15.87 2.10
N ALA A 217 -28.97 -15.77 3.42
CA ALA A 217 -29.61 -14.61 4.02
C ALA A 217 -28.77 -14.09 5.19
N GLY A 218 -28.99 -12.84 5.58
CA GLY A 218 -28.27 -12.32 6.72
C GLY A 218 -28.38 -10.84 6.98
N LEU A 219 -27.84 -10.46 8.15
CA LEU A 219 -27.68 -9.07 8.54
C LEU A 219 -26.18 -8.89 8.62
N ILE A 220 -25.64 -8.02 7.76
CA ILE A 220 -24.21 -7.83 7.66
C ILE A 220 -23.88 -6.35 7.87
N GLY A 221 -23.17 -6.04 8.94
CA GLY A 221 -22.85 -4.66 9.25
C GLY A 221 -21.47 -4.23 8.74
N CYS A 222 -21.35 -2.96 8.39
CA CYS A 222 -20.06 -2.42 7.96
C CYS A 222 -19.84 -1.01 8.52
N ALA A 223 -18.63 -0.75 9.00
CA ALA A 223 -18.30 0.53 9.63
C ALA A 223 -18.15 1.70 8.65
N PHE A 224 -18.09 1.42 7.36
CA PHE A 224 -17.95 2.46 6.35
C PHE A 224 -19.02 2.37 5.27
N ALA A 225 -19.76 3.46 5.08
CA ALA A 225 -20.86 3.51 4.11
C ALA A 225 -20.39 3.07 2.72
N ASP A 226 -19.23 3.53 2.29
CA ASP A 226 -18.80 3.18 0.92
C ASP A 226 -18.48 1.70 0.76
N LEU A 227 -17.89 1.08 1.78
CA LEU A 227 -17.61 -0.36 1.70
C LEU A 227 -18.89 -1.18 1.85
N ALA A 228 -19.85 -0.65 2.63
CA ALA A 228 -21.15 -1.30 2.80
C ALA A 228 -21.82 -1.47 1.45
N GLU A 229 -21.77 -0.42 0.65
CA GLU A 229 -22.42 -0.44 -0.65
C GLU A 229 -21.73 -1.44 -1.57
N VAL A 230 -20.41 -1.55 -1.45
CA VAL A 230 -19.64 -2.53 -2.20
C VAL A 230 -20.02 -3.96 -1.81
N MET A 231 -20.11 -4.23 -0.51
CA MET A 231 -20.58 -5.55 -0.06
C MET A 231 -22.00 -5.87 -0.54
N ALA A 232 -22.88 -4.88 -0.54
CA ALA A 232 -24.25 -5.14 -1.01
C ALA A 232 -24.22 -5.56 -2.48
N GLY A 233 -23.35 -4.91 -3.25
CA GLY A 233 -23.16 -5.26 -4.65
C GLY A 233 -22.73 -6.71 -4.80
N VAL A 234 -21.84 -7.15 -3.92
CA VAL A 234 -21.35 -8.53 -3.95
C VAL A 234 -22.49 -9.50 -3.63
N PHE A 235 -23.25 -9.21 -2.58
CA PHE A 235 -24.38 -10.06 -2.21
C PHE A 235 -25.46 -10.11 -3.30
N ALA A 236 -25.66 -9.00 -4.00
CA ALA A 236 -26.62 -8.92 -5.10
C ALA A 236 -26.31 -9.90 -6.24
N ALA A 237 -25.03 -10.12 -6.49
CA ALA A 237 -24.60 -11.05 -7.55
C ALA A 237 -24.70 -12.51 -7.10
N ARG A 238 -25.09 -12.71 -5.84
CA ARG A 238 -25.31 -14.03 -5.31
C ARG A 238 -26.83 -14.23 -5.20
N ARG A 239 -27.24 -15.44 -4.90
CA ARG A 239 -28.66 -15.70 -4.71
C ARG A 239 -29.11 -15.31 -3.30
N SER A 240 -29.04 -14.02 -2.94
CA SER A 240 -29.11 -13.63 -1.51
C SER A 240 -30.21 -12.67 -1.11
N SER A 241 -30.71 -12.84 0.10
CA SER A 241 -31.59 -11.85 0.71
C SER A 241 -30.87 -11.32 1.95
N VAL A 242 -30.31 -10.13 1.84
CA VAL A 242 -29.43 -9.61 2.88
C VAL A 242 -29.77 -8.17 3.20
N LEU A 243 -29.65 -7.80 4.48
CA LEU A 243 -29.59 -6.38 4.84
C LEU A 243 -28.13 -6.06 5.14
N VAL A 244 -27.50 -5.26 4.28
CA VAL A 244 -26.21 -4.69 4.62
C VAL A 244 -26.51 -3.38 5.30
N VAL A 245 -25.88 -3.17 6.47
CA VAL A 245 -26.27 -2.07 7.33
C VAL A 245 -25.06 -1.28 7.81
N HIS A 246 -25.30 0.00 8.09
CA HIS A 246 -24.26 0.92 8.55
C HIS A 246 -24.92 1.98 9.41
N GLY A 247 -24.59 2.00 10.69
CA GLY A 247 -25.09 3.05 11.57
C GLY A 247 -24.54 4.38 11.10
N ASP A 248 -25.35 5.42 11.13
CA ASP A 248 -24.87 6.72 10.69
C ASP A 248 -23.96 7.37 11.75
N ASP A 249 -23.72 6.65 12.85
CA ASP A 249 -22.72 7.03 13.85
C ASP A 249 -21.43 6.25 13.63
N GLY A 250 -21.37 5.46 12.55
CA GLY A 250 -20.20 4.64 12.30
C GLY A 250 -20.27 3.20 12.80
N LEU A 251 -21.34 2.81 13.47
CA LEU A 251 -21.48 1.44 13.99
C LEU A 251 -21.60 0.40 12.86
N ASP A 252 -20.97 -0.76 13.03
CA ASP A 252 -21.08 -1.84 12.02
C ASP A 252 -22.26 -2.78 12.31
N GLU A 253 -23.36 -2.19 12.74
CA GLU A 253 -24.61 -2.88 13.03
C GLU A 253 -25.66 -1.78 12.94
N LEU A 254 -26.93 -2.14 12.97
CA LEU A 254 -27.98 -1.15 13.11
C LEU A 254 -27.82 -0.48 14.46
N THR A 255 -27.83 0.85 14.47
CA THR A 255 -27.60 1.58 15.71
C THR A 255 -28.89 2.14 16.28
N THR A 256 -28.85 2.47 17.58
CA THR A 256 -29.98 3.10 18.24
C THR A 256 -29.62 4.54 18.67
N THR A 257 -28.44 5.01 18.29
CA THR A 257 -28.04 6.37 18.68
C THR A 257 -28.46 7.40 17.66
N THR A 258 -28.77 6.92 16.45
CA THR A 258 -29.19 7.78 15.37
C THR A 258 -29.73 6.88 14.25
N THR A 259 -29.84 7.42 13.05
CA THR A 259 -30.29 6.63 11.90
C THR A 259 -29.23 5.65 11.42
N SER A 260 -29.63 4.72 10.56
CA SER A 260 -28.68 3.88 9.86
C SER A 260 -29.02 3.87 8.39
N THR A 261 -28.04 3.53 7.56
CA THR A 261 -28.31 3.28 6.16
C THR A 261 -28.43 1.78 5.95
N ILE A 262 -29.44 1.37 5.21
CA ILE A 262 -29.59 -0.04 4.90
C ILE A 262 -29.56 -0.25 3.40
N TRP A 263 -28.72 -1.19 2.97
CA TRP A 263 -28.78 -1.65 1.59
C TRP A 263 -29.50 -2.96 1.61
N ARG A 264 -30.74 -2.92 1.16
CA ARG A 264 -31.60 -4.07 1.12
C ARG A 264 -31.31 -4.82 -0.19
N VAL A 265 -30.90 -6.08 -0.09
CA VAL A 265 -30.51 -6.86 -1.25
C VAL A 265 -31.43 -8.05 -1.39
N ALA A 266 -32.05 -8.17 -2.56
CA ALA A 266 -32.89 -9.33 -2.90
C ALA A 266 -33.00 -9.44 -4.42
N ALA A 267 -33.07 -10.67 -4.90
CA ALA A 267 -33.32 -10.92 -6.32
C ALA A 267 -32.36 -10.18 -7.25
N GLY A 268 -31.11 -10.08 -6.84
CA GLY A 268 -30.10 -9.44 -7.66
C GLY A 268 -30.10 -7.93 -7.73
N SER A 269 -30.96 -7.28 -6.96
CA SER A 269 -30.98 -5.83 -6.91
C SER A 269 -30.78 -5.31 -5.49
N VAL A 270 -30.61 -4.00 -5.39
CA VAL A 270 -30.32 -3.33 -4.14
C VAL A 270 -31.29 -2.16 -3.97
N ASP A 271 -31.87 -2.05 -2.78
CA ASP A 271 -32.71 -0.92 -2.42
C ASP A 271 -32.06 -0.25 -1.21
N LYS A 272 -31.47 0.93 -1.42
CA LYS A 272 -30.76 1.66 -0.37
C LYS A 272 -31.71 2.64 0.34
N LEU A 273 -31.69 2.66 1.67
CA LEU A 273 -32.65 3.51 2.38
C LEU A 273 -32.11 4.00 3.71
N THR A 274 -32.74 5.06 4.20
CA THR A 274 -32.45 5.57 5.54
C THR A 274 -33.45 4.99 6.52
N PHE A 275 -32.92 4.42 7.60
CA PHE A 275 -33.70 3.66 8.57
C PHE A 275 -33.64 4.38 9.92
N ASP A 276 -34.79 4.51 10.59
CA ASP A 276 -34.82 5.16 11.90
C ASP A 276 -35.65 4.36 12.90
N PRO A 277 -34.97 3.73 13.88
CA PRO A 277 -35.65 2.87 14.85
C PRO A 277 -36.55 3.64 15.81
N ALA A 278 -36.46 4.97 15.83
CA ALA A 278 -37.40 5.77 16.62
C ALA A 278 -38.82 5.55 16.11
N GLY A 279 -38.94 5.21 14.82
CA GLY A 279 -40.23 4.86 14.25
C GLY A 279 -40.86 3.61 14.86
N PHE A 280 -40.05 2.76 15.48
CA PHE A 280 -40.55 1.57 16.16
C PHE A 280 -40.55 1.76 17.69
N GLY A 281 -40.23 2.98 18.13
CA GLY A 281 -40.29 3.29 19.56
C GLY A 281 -39.01 3.07 20.33
N PHE A 282 -37.91 2.92 19.61
CA PHE A 282 -36.63 2.79 20.30
C PHE A 282 -36.16 4.15 20.77
N ALA A 283 -35.85 4.25 22.06
CA ALA A 283 -35.25 5.45 22.61
C ALA A 283 -33.83 5.60 22.06
N ARG A 284 -33.37 6.85 21.94
CA ARG A 284 -32.00 7.16 21.53
C ARG A 284 -30.99 6.82 22.62
N ALA A 285 -29.94 6.09 22.25
CA ALA A 285 -28.89 5.70 23.17
C ALA A 285 -27.64 6.51 22.87
N GLN A 286 -26.60 6.30 23.66
CA GLN A 286 -25.30 6.93 23.44
C GLN A 286 -24.32 5.89 22.92
N LEU A 287 -23.40 6.30 22.05
CA LEU A 287 -22.48 5.38 21.40
C LEU A 287 -21.68 4.53 22.39
N ASP A 288 -21.17 5.18 23.43
CA ASP A 288 -20.38 4.51 24.46
C ASP A 288 -21.13 3.35 25.11
N GLN A 289 -22.45 3.40 25.05
CA GLN A 289 -23.28 2.39 25.73
C GLN A 289 -23.34 1.05 25.00
N LEU A 290 -23.08 1.07 23.69
CA LEU A 290 -23.29 -0.12 22.84
C LEU A 290 -22.03 -0.93 22.52
N ALA A 291 -20.85 -0.39 22.83
CA ALA A 291 -19.60 -0.99 22.37
C ALA A 291 -19.21 -2.26 23.11
N GLY A 292 -18.65 -3.22 22.37
CA GLY A 292 -18.20 -4.46 22.98
C GLY A 292 -16.93 -4.27 23.81
N GLY A 293 -16.60 -5.28 24.61
CA GLY A 293 -15.39 -5.25 25.44
C GLY A 293 -14.60 -6.53 25.24
N ASP A 294 -13.87 -6.96 26.26
CA ASP A 294 -13.20 -8.26 26.16
C ASP A 294 -14.20 -9.42 26.27
N ALA A 295 -13.71 -10.65 26.08
CA ALA A 295 -14.57 -11.82 26.05
C ALA A 295 -15.37 -11.97 27.35
N GLN A 296 -14.72 -11.77 28.48
CA GLN A 296 -15.41 -11.89 29.77
C GLN A 296 -16.49 -10.82 29.98
N ALA A 297 -16.21 -9.58 29.59
CA ALA A 297 -17.19 -8.52 29.68
C ALA A 297 -18.39 -8.84 28.80
N ASN A 298 -18.09 -9.28 27.58
CA ASN A 298 -19.10 -9.68 26.63
C ASN A 298 -19.95 -10.83 27.19
N ALA A 299 -19.30 -11.86 27.70
CA ALA A 299 -20.03 -13.00 28.24
C ALA A 299 -20.99 -12.57 29.35
N ALA A 300 -20.55 -11.63 30.19
CA ALA A 300 -21.39 -11.09 31.25
C ALA A 300 -22.61 -10.36 30.69
N ALA A 301 -22.39 -9.59 29.64
CA ALA A 301 -23.45 -8.81 29.02
C ALA A 301 -24.46 -9.77 28.40
N VAL A 302 -23.95 -10.85 27.80
CA VAL A 302 -24.79 -11.84 27.15
C VAL A 302 -25.71 -12.48 28.19
N ARG A 303 -25.17 -12.79 29.36
CA ARG A 303 -25.98 -13.41 30.39
C ARG A 303 -27.04 -12.44 30.91
N ALA A 304 -26.69 -11.18 31.06
CA ALA A 304 -27.66 -10.20 31.56
C ALA A 304 -28.81 -10.01 30.58
N VAL A 305 -28.47 -9.78 29.32
CA VAL A 305 -29.49 -9.56 28.28
C VAL A 305 -30.38 -10.78 28.07
N LEU A 306 -29.79 -11.96 27.97
CA LEU A 306 -30.59 -13.15 27.74
C LEU A 306 -31.43 -13.51 28.96
N GLY A 307 -31.03 -12.96 30.11
CA GLY A 307 -31.76 -13.15 31.36
C GLY A 307 -32.82 -12.08 31.54
N GLY A 308 -32.87 -11.11 30.65
CA GLY A 308 -33.94 -10.13 30.64
C GLY A 308 -33.61 -8.70 31.03
N ALA A 309 -32.33 -8.41 31.26
CA ALA A 309 -31.95 -7.03 31.60
C ALA A 309 -32.32 -6.05 30.49
N ARG A 310 -33.08 -5.02 30.85
CA ARG A 310 -33.49 -4.00 29.89
C ARG A 310 -32.40 -2.95 29.74
N GLY A 311 -32.43 -2.21 28.64
CA GLY A 311 -31.42 -1.17 28.46
C GLY A 311 -31.00 -1.00 27.02
N PRO A 312 -30.05 -0.09 26.78
CA PRO A 312 -29.61 0.17 25.41
C PRO A 312 -29.02 -1.06 24.69
N VAL A 313 -28.33 -1.92 25.42
CA VAL A 313 -27.72 -3.11 24.81
C VAL A 313 -28.79 -4.09 24.34
N ARG A 314 -29.80 -4.34 25.17
CA ARG A 314 -30.91 -5.18 24.72
C ARG A 314 -31.59 -4.63 23.49
N ASP A 315 -31.84 -3.31 23.50
CA ASP A 315 -32.52 -2.65 22.40
C ASP A 315 -31.81 -2.88 21.06
N ALA A 316 -30.49 -2.70 21.07
CA ALA A 316 -29.69 -2.87 19.86
C ALA A 316 -29.64 -4.33 19.42
N VAL A 317 -29.57 -5.25 20.38
CA VAL A 317 -29.61 -6.67 20.07
C VAL A 317 -30.94 -7.02 19.39
N VAL A 318 -32.04 -6.58 19.98
CA VAL A 318 -33.38 -6.85 19.42
C VAL A 318 -33.51 -6.25 18.00
N LEU A 319 -32.99 -5.03 17.84
CA LEU A 319 -33.08 -4.34 16.54
C LEU A 319 -32.37 -5.13 15.42
N ASN A 320 -31.15 -5.53 15.72
CA ASN A 320 -30.35 -6.31 14.76
C ASN A 320 -30.84 -7.75 14.57
N ALA A 321 -31.33 -8.37 15.63
CA ALA A 321 -31.94 -9.69 15.49
C ALA A 321 -33.16 -9.61 14.57
N ALA A 322 -33.97 -8.58 14.76
CA ALA A 322 -35.15 -8.38 13.91
C ALA A 322 -34.74 -8.17 12.44
N GLY A 323 -33.69 -7.39 12.24
CA GLY A 323 -33.16 -7.17 10.90
C GLY A 323 -32.77 -8.48 10.21
N ALA A 324 -32.10 -9.36 10.96
CA ALA A 324 -31.75 -10.67 10.40
C ALA A 324 -32.99 -11.50 10.07
N ILE A 325 -34.01 -11.39 10.92
CA ILE A 325 -35.27 -12.08 10.68
C ILE A 325 -35.97 -11.53 9.43
N VAL A 326 -35.89 -10.21 9.26
CA VAL A 326 -36.43 -9.57 8.06
C VAL A 326 -35.71 -10.11 6.82
N ALA A 327 -34.39 -10.21 6.89
CA ALA A 327 -33.62 -10.75 5.75
C ALA A 327 -34.04 -12.18 5.44
N HIS A 328 -34.13 -13.00 6.48
CA HIS A 328 -34.61 -14.38 6.36
C HIS A 328 -35.97 -14.44 5.64
N ALA A 329 -36.88 -13.56 6.03
CA ALA A 329 -38.21 -13.51 5.45
C ALA A 329 -38.16 -13.23 3.95
N GLY A 330 -37.20 -12.42 3.54
CA GLY A 330 -37.04 -12.08 2.13
C GLY A 330 -36.76 -13.29 1.25
N LEU A 331 -36.32 -14.39 1.85
CA LEU A 331 -36.00 -15.59 1.07
C LEU A 331 -37.27 -16.19 0.45
N SER A 332 -38.33 -16.28 1.24
CA SER A 332 -39.55 -16.96 0.81
C SER A 332 -40.74 -16.01 0.83
N SER A 333 -41.10 -15.61 2.04
CA SER A 333 -42.22 -14.70 2.29
C SER A 333 -42.31 -13.52 1.32
N ARG A 334 -43.53 -13.04 1.11
CA ARG A 334 -43.74 -11.84 0.32
C ARG A 334 -44.29 -10.76 1.22
N ALA A 335 -44.04 -10.90 2.52
CA ALA A 335 -44.40 -9.86 3.46
C ALA A 335 -43.64 -8.61 3.10
N GLU A 336 -44.32 -7.47 3.19
CA GLU A 336 -43.70 -6.21 2.87
C GLU A 336 -42.81 -5.72 3.99
N TRP A 337 -41.94 -4.77 3.66
CA TRP A 337 -40.93 -4.24 4.57
C TRP A 337 -41.42 -3.91 5.98
N LEU A 338 -42.47 -3.11 6.07
CA LEU A 338 -42.94 -2.66 7.38
C LEU A 338 -43.56 -3.78 8.22
N PRO A 339 -44.53 -4.54 7.67
CA PRO A 339 -45.01 -5.64 8.53
C PRO A 339 -43.95 -6.72 8.82
N ALA A 340 -42.97 -6.90 7.94
CA ALA A 340 -41.87 -7.81 8.24
C ALA A 340 -41.04 -7.33 9.45
N TRP A 341 -40.78 -6.02 9.51
CA TRP A 341 -40.05 -5.44 10.64
C TRP A 341 -40.85 -5.58 11.95
N GLU A 342 -42.14 -5.35 11.87
CA GLU A 342 -43.01 -5.45 13.03
C GLU A 342 -43.00 -6.88 13.56
N GLU A 343 -43.13 -7.85 12.66
CA GLU A 343 -43.09 -9.25 13.08
CA GLU A 343 -43.09 -9.25 13.05
C GLU A 343 -41.70 -9.64 13.55
N GLY A 344 -40.68 -9.16 12.86
CA GLY A 344 -39.30 -9.38 13.27
C GLY A 344 -38.99 -8.89 14.68
N LEU A 345 -39.48 -7.69 15.00
CA LEU A 345 -39.28 -7.13 16.34
C LEU A 345 -40.04 -7.90 17.42
N ARG A 346 -41.26 -8.34 17.08
CA ARG A 346 -42.07 -9.14 17.98
CA ARG A 346 -42.07 -9.14 17.99
C ARG A 346 -41.37 -10.46 18.31
N ARG A 347 -40.90 -11.14 17.26
CA ARG A 347 -40.24 -12.43 17.42
C ARG A 347 -38.93 -12.35 18.22
N ALA A 348 -38.15 -11.30 17.95
CA ALA A 348 -36.88 -11.12 18.65
C ALA A 348 -37.08 -10.79 20.15
N SER A 349 -37.97 -9.85 20.45
CA SER A 349 -38.30 -9.55 21.84
C SER A 349 -38.81 -10.79 22.55
N ALA A 350 -39.70 -11.53 21.89
CA ALA A 350 -40.29 -12.72 22.49
C ALA A 350 -39.26 -13.83 22.72
N ALA A 351 -38.28 -13.97 21.82
CA ALA A 351 -37.25 -14.99 22.03
C ALA A 351 -36.44 -14.72 23.30
N ILE A 352 -36.23 -13.44 23.60
CA ILE A 352 -35.59 -13.07 24.85
C ILE A 352 -36.54 -13.28 26.03
N ASP A 353 -37.74 -12.69 25.94
CA ASP A 353 -38.64 -12.60 27.08
C ASP A 353 -39.18 -13.94 27.59
N THR A 354 -39.35 -14.89 26.67
CA THR A 354 -39.88 -16.20 27.03
C THR A 354 -38.76 -17.13 27.46
N GLY A 355 -37.53 -16.61 27.50
CA GLY A 355 -36.39 -17.42 27.91
C GLY A 355 -35.86 -18.36 26.83
N ALA A 356 -36.44 -18.33 25.64
CA ALA A 356 -36.02 -19.19 24.54
C ALA A 356 -34.54 -18.98 24.18
N ALA A 357 -34.08 -17.72 24.23
CA ALA A 357 -32.69 -17.45 23.88
C ALA A 357 -31.73 -17.96 24.95
N GLU A 358 -32.07 -17.75 26.22
CA GLU A 358 -31.26 -18.29 27.30
C GLU A 358 -31.22 -19.83 27.23
N GLN A 359 -32.36 -20.45 26.97
CA GLN A 359 -32.45 -21.90 26.82
C GLN A 359 -31.63 -22.41 25.64
N LEU A 360 -31.65 -21.67 24.54
CA LEU A 360 -30.88 -22.10 23.37
C LEU A 360 -29.37 -22.09 23.65
N LEU A 361 -28.88 -21.01 24.26
CA LEU A 361 -27.48 -20.95 24.62
C LEU A 361 -27.10 -22.14 25.51
N ALA A 362 -27.94 -22.42 26.51
CA ALA A 362 -27.66 -23.56 27.40
C ALA A 362 -27.61 -24.87 26.59
N ARG A 363 -28.57 -25.03 25.68
CA ARG A 363 -28.60 -26.20 24.81
C ARG A 363 -27.34 -26.24 23.94
N TRP A 364 -26.88 -25.08 23.49
CA TRP A 364 -25.65 -25.00 22.69
C TRP A 364 -24.44 -25.44 23.51
N VAL A 365 -24.35 -24.97 24.75
CA VAL A 365 -23.29 -25.40 25.64
C VAL A 365 -23.36 -26.92 25.90
N ARG A 366 -24.57 -27.44 26.14
CA ARG A 366 -24.76 -28.88 26.34
C ARG A 366 -24.20 -29.68 25.17
N PHE A 367 -24.55 -29.27 23.96
CA PHE A 367 -24.17 -30.00 22.74
C PHE A 367 -22.66 -30.16 22.68
N GLY A 368 -21.94 -29.11 23.04
CA GLY A 368 -20.49 -29.13 22.99
C GLY A 368 -19.90 -30.06 24.04
N ARG A 369 -20.41 -29.97 25.27
CA ARG A 369 -19.90 -30.81 26.35
CA ARG A 369 -19.89 -30.80 26.35
C ARG A 369 -20.12 -32.28 26.06
N GLN A 370 -21.22 -32.59 25.37
CA GLN A 370 -21.50 -33.94 24.96
C GLN A 370 -20.69 -34.25 23.69
N PRO B 26 4.35 5.45 18.69
CA PRO B 26 4.27 5.14 17.25
C PRO B 26 4.23 3.64 17.00
N SER B 27 3.46 3.24 15.99
CA SER B 27 3.29 1.85 15.64
C SER B 27 2.86 1.78 14.19
N TRP B 28 3.02 0.60 13.59
CA TRP B 28 2.56 0.40 12.22
C TRP B 28 1.06 0.65 12.02
N PRO B 29 0.18 0.05 12.85
CA PRO B 29 -1.25 0.36 12.68
C PRO B 29 -1.56 1.86 12.74
N GLN B 30 -0.89 2.58 13.64
CA GLN B 30 -1.11 4.02 13.70
C GLN B 30 -0.65 4.74 12.43
N ILE B 31 0.56 4.43 11.99
CA ILE B 31 1.11 5.12 10.83
C ILE B 31 0.41 4.74 9.55
N LEU B 32 0.20 3.44 9.34
CA LEU B 32 -0.46 2.98 8.13
C LEU B 32 -1.93 3.40 8.10
N GLY B 33 -2.55 3.46 9.27
CA GLY B 33 -3.93 3.90 9.37
C GLY B 33 -4.06 5.35 8.95
N ARG B 34 -3.09 6.17 9.37
CA ARG B 34 -3.09 7.58 9.01
C ARG B 34 -2.95 7.74 7.51
N LEU B 35 -2.06 6.96 6.88
CA LEU B 35 -1.85 7.04 5.44
C LEU B 35 -3.04 6.52 4.60
N THR B 36 -3.63 5.40 4.99
CA THR B 36 -4.80 4.90 4.29
C THR B 36 -6.00 5.85 4.45
N ASP B 37 -6.01 6.66 5.50
CA ASP B 37 -7.04 7.68 5.65
C ASP B 37 -6.67 8.94 4.87
N ASN B 38 -5.62 8.84 4.06
CA ASN B 38 -5.15 9.94 3.22
CA ASN B 38 -5.13 9.94 3.23
C ASN B 38 -4.75 11.20 4.00
N ARG B 39 -4.16 11.02 5.17
CA ARG B 39 -3.65 12.13 5.97
C ARG B 39 -2.13 12.17 5.98
N ASP B 40 -1.55 13.37 5.96
CA ASP B 40 -0.12 13.52 6.19
C ASP B 40 0.24 12.95 7.56
N LEU B 41 1.43 12.39 7.68
CA LEU B 41 1.90 11.88 8.95
C LEU B 41 2.18 13.01 9.93
N ALA B 42 2.18 12.67 11.21
CA ALA B 42 2.67 13.59 12.24
C ALA B 42 4.19 13.60 12.13
N ARG B 43 4.81 14.68 12.57
CA ARG B 43 6.27 14.81 12.52
C ARG B 43 6.92 13.65 13.26
N GLY B 44 7.98 13.11 12.70
CA GLY B 44 8.69 12.01 13.35
C GLY B 44 8.17 10.63 13.02
N GLN B 45 6.96 10.53 12.46
CA GLN B 45 6.39 9.22 12.15
C GLN B 45 7.11 8.53 10.99
N ALA B 46 7.39 9.30 9.94
CA ALA B 46 8.16 8.77 8.82
C ALA B 46 9.55 8.33 9.27
N ALA B 47 10.18 9.12 10.16
CA ALA B 47 11.49 8.79 10.67
C ALA B 47 11.46 7.48 11.47
N TRP B 48 10.42 7.31 12.28
CA TRP B 48 10.26 6.08 13.06
C TRP B 48 10.17 4.87 12.14
N ALA B 49 9.34 4.98 11.12
CA ALA B 49 9.18 3.90 10.15
C ALA B 49 10.53 3.59 9.50
N MET B 50 11.27 4.63 9.15
CA MET B 50 12.54 4.39 8.50
C MET B 50 13.55 3.76 9.45
N ASP B 51 13.55 4.16 10.73
CA ASP B 51 14.52 3.54 11.62
CA ASP B 51 14.42 3.57 11.75
C ASP B 51 14.22 2.06 11.81
N GLN B 52 12.94 1.68 11.91
CA GLN B 52 12.54 0.27 11.94
C GLN B 52 13.08 -0.48 10.70
N ILE B 53 12.90 0.13 9.54
CA ILE B 53 13.32 -0.49 8.29
C ILE B 53 14.82 -0.68 8.28
N MET B 54 15.55 0.35 8.71
CA MET B 54 16.99 0.36 8.61
C MET B 54 17.67 -0.53 9.67
N THR B 55 16.96 -0.85 10.75
CA THR B 55 17.56 -1.63 11.84
C THR B 55 17.24 -3.11 11.71
N GLY B 56 16.47 -3.44 10.69
CA GLY B 56 16.05 -4.82 10.47
C GLY B 56 14.85 -5.23 11.32
N ASN B 57 14.13 -4.26 11.86
CA ASN B 57 13.00 -4.55 12.74
C ASN B 57 11.65 -4.55 12.04
N ALA B 58 11.62 -4.10 10.80
CA ALA B 58 10.37 -4.06 10.06
C ALA B 58 10.19 -5.34 9.28
N ARG B 59 9.00 -5.93 9.33
CA ARG B 59 8.71 -7.11 8.52
C ARG B 59 8.52 -6.66 7.05
N PRO B 60 8.90 -7.53 6.10
CA PRO B 60 8.64 -7.29 4.67
C PRO B 60 7.23 -6.78 4.39
N ALA B 61 6.23 -7.32 5.06
CA ALA B 61 4.86 -6.85 4.87
C ALA B 61 4.73 -5.40 5.32
N GLN B 62 5.37 -5.05 6.43
CA GLN B 62 5.29 -3.70 6.96
C GLN B 62 6.00 -2.70 6.04
N ILE B 63 7.16 -3.09 5.53
CA ILE B 63 7.91 -2.25 4.57
C ILE B 63 7.06 -1.94 3.33
N ALA B 64 6.55 -2.99 2.73
CA ALA B 64 5.70 -2.88 1.55
C ALA B 64 4.45 -2.04 1.79
N ALA B 65 3.78 -2.26 2.93
CA ALA B 65 2.57 -1.52 3.26
C ALA B 65 2.86 -0.03 3.34
N PHE B 66 3.95 0.30 4.04
CA PHE B 66 4.37 1.68 4.19
C PHE B 66 4.74 2.32 2.84
N ALA B 67 5.59 1.62 2.08
CA ALA B 67 6.03 2.13 0.78
C ALA B 67 4.83 2.47 -0.12
N VAL B 68 3.87 1.55 -0.18
CA VAL B 68 2.69 1.74 -1.02
C VAL B 68 1.75 2.81 -0.47
N ALA B 69 1.48 2.77 0.83
CA ALA B 69 0.55 3.74 1.42
C ALA B 69 1.05 5.18 1.29
N MET B 70 2.34 5.39 1.56
CA MET B 70 2.94 6.71 1.44
C MET B 70 2.81 7.20 0.00
N THR B 71 3.03 6.29 -0.94
CA THR B 71 2.96 6.63 -2.35
C THR B 71 1.57 7.08 -2.76
N MET B 72 0.55 6.34 -2.30
CA MET B 72 -0.83 6.63 -2.68
C MET B 72 -1.42 7.83 -1.92
N LYS B 73 -0.98 8.06 -0.71
CA LYS B 73 -1.40 9.25 0.02
C LYS B 73 -0.89 10.51 -0.71
N ALA B 74 0.37 10.42 -1.18
CA ALA B 74 1.17 11.49 -1.83
C ALA B 74 2.11 12.15 -0.83
N PRO B 75 3.39 11.75 -0.86
CA PRO B 75 4.35 12.13 0.16
C PRO B 75 4.63 13.63 0.16
N THR B 76 4.92 14.19 1.33
CA THR B 76 5.33 15.58 1.40
C THR B 76 6.85 15.67 1.46
N ALA B 77 7.39 16.86 1.24
CA ALA B 77 8.83 17.06 1.33
C ALA B 77 9.36 16.77 2.72
N ASP B 78 8.61 17.19 3.74
CA ASP B 78 9.00 16.90 5.12
C ASP B 78 9.08 15.39 5.38
N GLU B 79 8.13 14.64 4.83
CA GLU B 79 8.12 13.20 5.03
C GLU B 79 9.32 12.50 4.36
N VAL B 80 9.57 12.84 3.11
CA VAL B 80 10.69 12.25 2.36
C VAL B 80 12.02 12.69 2.98
N GLY B 81 12.07 13.94 3.44
CA GLY B 81 13.23 14.42 4.17
C GLY B 81 13.54 13.56 5.37
N GLU B 82 12.51 13.15 6.10
CA GLU B 82 12.72 12.26 7.25
C GLU B 82 13.24 10.90 6.81
N LEU B 83 12.69 10.37 5.72
CA LEU B 83 13.12 9.06 5.25
C LEU B 83 14.59 9.13 4.86
N ALA B 84 14.92 10.13 4.03
CA ALA B 84 16.27 10.26 3.51
C ALA B 84 17.27 10.50 4.64
N GLY B 85 16.90 11.36 5.57
CA GLY B 85 17.77 11.72 6.69
C GLY B 85 18.13 10.54 7.58
N VAL B 86 17.14 9.72 7.92
CA VAL B 86 17.41 8.51 8.65
C VAL B 86 18.29 7.53 7.83
N MET B 87 17.98 7.35 6.56
CA MET B 87 18.78 6.44 5.71
C MET B 87 20.24 6.90 5.64
N LEU B 88 20.43 8.20 5.43
CA LEU B 88 21.78 8.78 5.44
C LEU B 88 22.52 8.51 6.76
N SER B 89 21.83 8.61 7.88
CA SER B 89 22.48 8.45 9.18
C SER B 89 23.09 7.05 9.34
N HIS B 90 22.53 6.08 8.62
CA HIS B 90 23.05 4.71 8.65
C HIS B 90 24.09 4.40 7.58
N ALA B 91 24.34 5.35 6.69
CA ALA B 91 25.23 5.10 5.55
C ALA B 91 26.70 5.26 5.93
N HIS B 92 27.59 4.62 5.19
CA HIS B 92 29.01 4.85 5.39
C HIS B 92 29.34 6.20 4.78
N PRO B 93 30.06 7.05 5.54
CA PRO B 93 30.41 8.35 4.95
C PRO B 93 31.76 8.29 4.27
N LEU B 94 32.09 9.30 3.48
CA LEU B 94 33.43 9.44 2.93
C LEU B 94 34.29 10.10 4.01
N PRO B 95 35.62 9.88 3.99
CA PRO B 95 36.45 10.42 5.07
C PRO B 95 36.37 11.95 5.11
N ALA B 96 36.53 12.53 6.29
CA ALA B 96 36.35 13.97 6.48
C ALA B 96 37.24 14.80 5.57
N ASP B 97 36.70 15.92 5.09
CA ASP B 97 37.42 16.87 4.23
C ASP B 97 37.92 16.28 2.90
N THR B 98 37.28 15.22 2.43
CA THR B 98 37.69 14.59 1.18
C THR B 98 36.76 14.89 0.01
N VAL B 99 35.65 15.55 0.27
CA VAL B 99 34.72 15.85 -0.81
C VAL B 99 34.73 17.34 -1.09
N PRO B 100 35.06 17.72 -2.33
CA PRO B 100 35.10 19.15 -2.67
C PRO B 100 33.76 19.80 -2.36
N ASP B 101 33.82 21.05 -1.89
CA ASP B 101 32.65 21.78 -1.45
C ASP B 101 31.67 21.98 -2.60
N ASP B 102 32.18 21.89 -3.82
CA ASP B 102 31.37 22.17 -4.99
C ASP B 102 31.15 20.93 -5.87
N ALA B 103 31.27 19.74 -5.28
CA ALA B 103 30.99 18.49 -5.99
C ALA B 103 29.53 18.41 -6.45
N VAL B 104 29.28 17.69 -7.54
CA VAL B 104 27.90 17.54 -8.00
C VAL B 104 27.55 16.09 -8.26
N ASP B 105 26.26 15.81 -8.26
CA ASP B 105 25.74 14.49 -8.59
C ASP B 105 25.09 14.60 -9.96
N VAL B 106 25.05 13.48 -10.67
CA VAL B 106 24.29 13.31 -11.89
C VAL B 106 23.52 12.00 -11.73
N VAL B 107 22.25 12.09 -11.37
CA VAL B 107 21.53 10.91 -10.88
C VAL B 107 20.03 11.01 -11.19
N GLY B 108 19.31 9.91 -11.02
CA GLY B 108 17.89 9.89 -11.35
C GLY B 108 17.15 8.66 -10.86
N THR B 109 15.86 8.60 -11.13
CA THR B 109 15.08 7.41 -10.84
C THR B 109 13.98 7.18 -11.89
N GLY B 110 13.81 5.93 -12.29
CA GLY B 110 12.80 5.57 -13.29
C GLY B 110 13.19 5.96 -14.70
N THR B 116 16.58 2.27 -23.14
CA THR B 116 17.40 3.40 -23.57
C THR B 116 18.87 3.22 -23.20
N VAL B 117 19.75 3.84 -23.98
CA VAL B 117 21.18 3.83 -23.70
C VAL B 117 21.48 4.64 -22.44
N ASN B 118 22.38 4.14 -21.61
CA ASN B 118 22.77 4.89 -20.42
C ASN B 118 23.40 6.19 -20.87
N LEU B 119 23.02 7.28 -20.20
CA LEU B 119 23.45 8.63 -20.56
C LEU B 119 24.09 9.30 -19.35
N SER B 120 23.87 8.72 -18.17
CA SER B 120 24.33 9.30 -16.92
C SER B 120 25.83 9.17 -16.80
N THR B 121 26.34 8.00 -17.19
CA THR B 121 27.76 7.74 -17.15
C THR B 121 28.51 8.76 -18.02
N MET B 122 28.03 8.96 -19.24
CA MET B 122 28.66 9.91 -20.16
C MET B 122 28.59 11.34 -19.66
N ALA B 123 27.41 11.76 -19.24
CA ALA B 123 27.23 13.13 -18.77
C ALA B 123 28.12 13.40 -17.58
N ALA B 124 28.23 12.42 -16.69
CA ALA B 124 29.06 12.55 -15.49
C ALA B 124 30.53 12.74 -15.88
N ILE B 125 30.97 11.95 -16.84
CA ILE B 125 32.35 12.02 -17.31
C ILE B 125 32.62 13.39 -17.95
N VAL B 126 31.67 13.86 -18.74
CA VAL B 126 31.81 15.14 -19.42
C VAL B 126 31.81 16.28 -18.41
N VAL B 127 30.89 16.22 -17.46
CA VAL B 127 30.91 17.19 -16.36
C VAL B 127 32.25 17.24 -15.61
N ALA B 128 32.76 16.09 -15.17
CA ALA B 128 34.08 16.06 -14.53
C ALA B 128 35.20 16.61 -15.41
N ALA B 129 35.12 16.32 -16.70
CA ALA B 129 36.14 16.75 -17.66
C ALA B 129 36.06 18.25 -17.89
N ALA B 130 34.90 18.83 -17.63
CA ALA B 130 34.76 20.28 -17.68
C ALA B 130 35.29 20.96 -16.40
N GLY B 131 35.84 20.17 -15.47
CA GLY B 131 36.44 20.74 -14.27
C GLY B 131 35.55 20.82 -13.04
N VAL B 132 34.39 20.18 -13.11
CA VAL B 132 33.46 20.16 -11.98
C VAL B 132 33.54 18.80 -11.31
N PRO B 133 33.87 18.75 -10.01
CA PRO B 133 34.02 17.46 -9.32
C PRO B 133 32.69 16.71 -9.31
N VAL B 134 32.73 15.43 -9.65
CA VAL B 134 31.50 14.64 -9.70
C VAL B 134 31.59 13.43 -8.80
N VAL B 135 30.61 13.26 -7.94
CA VAL B 135 30.52 12.02 -7.18
C VAL B 135 29.15 11.40 -7.42
N LYS B 136 29.14 10.32 -8.19
CA LYS B 136 27.91 9.65 -8.57
C LYS B 136 27.51 8.61 -7.54
N HIS B 137 26.21 8.43 -7.40
CA HIS B 137 25.67 7.43 -6.50
C HIS B 137 24.88 6.46 -7.39
N GLY B 138 25.24 5.17 -7.37
CA GLY B 138 24.60 4.27 -8.29
C GLY B 138 24.48 2.80 -7.92
N ASN B 139 23.58 2.12 -8.62
CA ASN B 139 23.32 0.70 -8.44
C ASN B 139 23.60 -0.10 -9.72
N ARG B 140 23.82 -1.41 -9.59
CA ARG B 140 23.92 -2.30 -10.75
C ARG B 140 22.54 -2.56 -11.32
N ALA B 142 20.49 0.23 -15.39
CA ALA B 142 20.33 0.27 -16.84
C ALA B 142 19.28 1.31 -17.26
N SER B 143 19.62 2.07 -18.29
CA SER B 143 18.78 3.16 -18.82
CA SER B 143 18.79 3.16 -18.81
C SER B 143 18.66 4.36 -17.88
N SER B 144 18.09 4.15 -16.69
CA SER B 144 17.91 5.24 -15.72
C SER B 144 19.22 5.98 -15.38
N LEU B 145 19.10 7.28 -15.10
CA LEU B 145 20.23 8.09 -14.66
C LEU B 145 20.94 7.49 -13.44
N SER B 146 20.19 6.80 -12.58
CA SER B 146 20.76 6.19 -11.39
C SER B 146 21.79 5.13 -11.77
N GLY B 147 21.57 4.49 -12.92
CA GLY B 147 22.37 3.36 -13.35
C GLY B 147 23.72 3.77 -13.89
N GLY B 148 24.37 2.87 -14.61
CA GLY B 148 25.68 3.16 -15.13
C GLY B 148 26.76 2.23 -14.61
N ALA B 149 26.53 1.63 -13.44
CA ALA B 149 27.50 0.73 -12.84
C ALA B 149 27.94 -0.39 -13.78
N ASP B 150 26.99 -1.02 -14.46
CA ASP B 150 27.31 -2.10 -15.40
C ASP B 150 28.10 -1.53 -16.59
N THR B 151 27.69 -0.36 -17.05
CA THR B 151 28.35 0.29 -18.17
C THR B 151 29.79 0.63 -17.80
N LEU B 152 29.97 1.23 -16.62
CA LEU B 152 31.31 1.56 -16.13
C LEU B 152 32.19 0.32 -16.06
N GLU B 153 31.64 -0.79 -15.57
CA GLU B 153 32.39 -2.05 -15.50
C GLU B 153 32.79 -2.52 -16.88
N ALA B 154 31.86 -2.41 -17.82
CA ALA B 154 32.14 -2.78 -19.20
C ALA B 154 33.29 -1.93 -19.81
N LEU B 155 33.46 -0.71 -19.32
CA LEU B 155 34.54 0.16 -19.81
C LEU B 155 35.85 -0.06 -19.07
N GLY B 156 35.82 -0.86 -18.00
CA GLY B 156 37.02 -1.17 -17.26
C GLY B 156 37.21 -0.40 -15.95
N VAL B 157 36.24 0.44 -15.59
CA VAL B 157 36.30 1.24 -14.37
C VAL B 157 35.96 0.37 -13.16
N ARG B 158 36.74 0.45 -12.08
CA ARG B 158 36.41 -0.28 -10.84
C ARG B 158 35.33 0.45 -10.03
N ILE B 159 34.16 -0.17 -9.88
CA ILE B 159 33.03 0.53 -9.26
C ILE B 159 32.82 0.22 -7.78
N ASP B 160 33.30 -0.92 -7.31
CA ASP B 160 33.02 -1.28 -5.92
C ASP B 160 34.21 -0.97 -5.03
N LEU B 161 34.31 0.29 -4.66
CA LEU B 161 35.41 0.76 -3.85
C LEU B 161 34.86 1.32 -2.55
N GLY B 162 35.60 1.15 -1.47
CA GLY B 162 35.24 1.73 -0.19
C GLY B 162 35.43 3.24 -0.16
N PRO B 163 34.98 3.88 0.93
CA PRO B 163 35.01 5.33 1.13
C PRO B 163 36.38 5.98 0.86
N ASP B 164 37.45 5.41 1.41
CA ASP B 164 38.80 5.92 1.21
C ASP B 164 39.20 5.98 -0.28
N LEU B 165 38.90 4.94 -1.04
CA LEU B 165 39.34 4.92 -2.44
C LEU B 165 38.46 5.80 -3.32
N VAL B 166 37.18 5.93 -2.96
CA VAL B 166 36.30 6.88 -3.65
C VAL B 166 36.84 8.29 -3.45
N ALA B 167 37.24 8.61 -2.22
CA ALA B 167 37.84 9.89 -1.91
C ALA B 167 39.13 10.09 -2.73
N ARG B 168 39.95 9.06 -2.80
CA ARG B 168 41.18 9.15 -3.58
C ARG B 168 40.89 9.35 -5.07
N SER B 169 39.86 8.67 -5.57
CA SER B 169 39.44 8.82 -6.97
C SER B 169 38.99 10.26 -7.25
N LEU B 170 38.24 10.84 -6.32
CA LEU B 170 37.82 12.24 -6.47
C LEU B 170 39.03 13.17 -6.55
N ALA B 171 40.02 12.93 -5.70
CA ALA B 171 41.22 13.77 -5.64
C ALA B 171 42.13 13.60 -6.86
N GLU B 172 42.31 12.36 -7.30
CA GLU B 172 43.25 12.07 -8.38
C GLU B 172 42.65 12.13 -9.79
N VAL B 173 41.37 11.81 -9.90
CA VAL B 173 40.73 11.75 -11.22
C VAL B 173 39.69 12.87 -11.42
N GLY B 174 39.05 13.32 -10.33
CA GLY B 174 38.02 14.34 -10.43
C GLY B 174 36.60 13.76 -10.47
N ILE B 175 36.52 12.46 -10.26
CA ILE B 175 35.22 11.80 -10.27
C ILE B 175 35.32 10.57 -9.39
N GLY B 176 34.21 10.26 -8.74
CA GLY B 176 34.11 9.10 -7.87
C GLY B 176 32.77 8.46 -8.07
N PHE B 177 32.70 7.15 -7.83
CA PHE B 177 31.42 6.44 -7.90
C PHE B 177 31.15 5.71 -6.58
N CYS B 178 30.08 6.11 -5.88
CA CYS B 178 29.62 5.39 -4.69
C CYS B 178 28.64 4.29 -5.08
N PHE B 179 29.09 3.04 -4.94
CA PHE B 179 28.26 1.90 -5.24
C PHE B 179 27.21 1.75 -4.13
N ALA B 180 25.95 2.02 -4.47
CA ALA B 180 24.88 2.09 -3.47
C ALA B 180 24.87 0.96 -2.41
N PRO B 181 24.87 -0.33 -2.84
CA PRO B 181 24.88 -1.42 -1.86
C PRO B 181 26.04 -1.38 -0.88
N ARG B 182 27.19 -0.91 -1.35
CA ARG B 182 28.38 -0.82 -0.51
CA ARG B 182 28.38 -0.80 -0.51
C ARG B 182 28.20 0.22 0.61
N PHE B 183 27.56 1.34 0.29
CA PHE B 183 27.45 2.44 1.25
C PHE B 183 26.19 2.39 2.11
N HIS B 184 25.19 1.64 1.65
CA HIS B 184 23.93 1.53 2.37
C HIS B 184 23.57 0.08 2.70
N PRO B 185 24.46 -0.64 3.40
CA PRO B 185 24.18 -2.06 3.69
C PRO B 185 22.86 -2.28 4.45
N SER B 186 22.51 -1.38 5.35
CA SER B 186 21.28 -1.55 6.14
C SER B 186 19.99 -1.35 5.34
N TYR B 187 20.11 -0.86 4.11
CA TYR B 187 18.94 -0.70 3.24
C TYR B 187 18.55 -2.01 2.56
N ARG B 188 19.30 -3.08 2.83
CA ARG B 188 19.11 -4.31 2.07
C ARG B 188 17.69 -4.91 2.14
N HIS B 189 17.05 -4.82 3.32
CA HIS B 189 15.68 -5.29 3.51
C HIS B 189 14.72 -4.48 2.63
N ALA B 190 14.88 -3.16 2.64
CA ALA B 190 14.03 -2.31 1.82
C ALA B 190 14.23 -2.60 0.33
N ALA B 191 15.48 -2.81 -0.08
CA ALA B 191 15.78 -3.00 -1.51
C ALA B 191 15.12 -4.27 -2.03
N ALA B 192 15.22 -5.35 -1.26
CA ALA B 192 14.61 -6.61 -1.63
C ALA B 192 13.10 -6.48 -1.77
N VAL B 193 12.46 -5.82 -0.81
CA VAL B 193 11.02 -5.61 -0.87
C VAL B 193 10.60 -4.80 -2.11
N ARG B 194 11.37 -3.78 -2.44
CA ARG B 194 11.04 -2.96 -3.59
C ARG B 194 11.11 -3.77 -4.88
N ARG B 195 12.07 -4.68 -4.94
CA ARG B 195 12.16 -5.56 -6.12
C ARG B 195 10.99 -6.55 -6.19
N GLU B 196 10.57 -7.07 -5.03
CA GLU B 196 9.48 -8.04 -4.97
C GLU B 196 8.17 -7.42 -5.42
N ILE B 197 7.98 -6.13 -5.14
CA ILE B 197 6.70 -5.53 -5.50
C ILE B 197 6.74 -4.88 -6.88
N GLY B 198 7.94 -4.47 -7.29
CA GLY B 198 8.23 -4.07 -8.66
C GLY B 198 7.49 -2.85 -9.16
N VAL B 199 6.76 -2.21 -8.27
CA VAL B 199 6.03 -1.00 -8.62
C VAL B 199 6.81 0.19 -8.09
N PRO B 200 6.85 1.31 -8.83
CA PRO B 200 7.50 2.53 -8.34
C PRO B 200 6.82 3.05 -7.08
N THR B 201 7.60 3.41 -6.06
CA THR B 201 7.07 3.99 -4.84
C THR B 201 7.87 5.23 -4.46
N VAL B 202 7.48 5.88 -3.37
CA VAL B 202 8.25 6.99 -2.82
C VAL B 202 9.69 6.57 -2.49
N PHE B 203 9.92 5.28 -2.27
CA PHE B 203 11.29 4.82 -2.03
C PHE B 203 12.21 5.04 -3.26
N ASN B 204 11.64 5.19 -4.44
CA ASN B 204 12.43 5.53 -5.63
C ASN B 204 13.17 6.86 -5.51
N LEU B 205 12.68 7.75 -4.64
CA LEU B 205 13.27 9.07 -4.42
C LEU B 205 14.52 9.05 -3.56
N LEU B 206 14.71 7.96 -2.83
CA LEU B 206 15.73 7.96 -1.79
C LEU B 206 17.15 7.89 -2.35
N GLY B 207 17.35 7.08 -3.38
CA GLY B 207 18.62 7.04 -4.10
C GLY B 207 19.24 8.41 -4.34
N PRO B 208 18.56 9.27 -5.11
CA PRO B 208 19.08 10.61 -5.37
C PRO B 208 19.28 11.45 -4.11
N LEU B 209 18.49 11.21 -3.07
CA LEU B 209 18.59 12.01 -1.85
C LEU B 209 19.53 11.45 -0.80
N THR B 210 20.18 10.33 -1.09
CA THR B 210 21.09 9.73 -0.11
C THR B 210 22.51 9.43 -0.62
N ASN B 211 22.98 10.20 -1.59
CA ASN B 211 24.39 10.14 -2.01
C ASN B 211 25.27 10.30 -0.77
N PRO B 212 26.07 9.27 -0.45
CA PRO B 212 26.80 9.25 0.82
C PRO B 212 27.89 10.33 0.90
N ALA B 213 28.27 10.88 -0.25
CA ALA B 213 29.24 11.97 -0.30
C ALA B 213 28.58 13.33 -0.05
N ARG B 214 27.24 13.34 -0.07
CA ARG B 214 26.46 14.56 0.18
C ARG B 214 26.85 15.79 -0.65
N PRO B 215 26.92 15.64 -1.98
CA PRO B 215 27.23 16.84 -2.77
C PRO B 215 26.11 17.85 -2.62
N ARG B 216 26.43 19.13 -2.77
CA ARG B 216 25.44 20.18 -2.56
C ARG B 216 24.82 20.66 -3.88
N ALA B 217 25.27 20.09 -4.99
CA ALA B 217 24.70 20.47 -6.25
C ALA B 217 24.44 19.24 -7.10
N GLY B 218 23.57 19.38 -8.09
CA GLY B 218 23.36 18.25 -8.96
C GLY B 218 22.34 18.44 -10.04
N LEU B 219 22.37 17.52 -11.01
CA LEU B 219 21.32 17.37 -11.99
C LEU B 219 20.59 16.09 -11.59
N ILE B 220 19.31 16.22 -11.24
CA ILE B 220 18.57 15.09 -10.69
C ILE B 220 17.36 14.77 -11.54
N GLY B 221 17.36 13.60 -12.15
CA GLY B 221 16.24 13.22 -13.00
C GLY B 221 15.14 12.50 -12.23
N CYS B 222 13.91 12.67 -12.68
CA CYS B 222 12.78 11.95 -12.08
C CYS B 222 11.72 11.60 -13.13
N ALA B 223 11.40 10.31 -13.23
CA ALA B 223 10.46 9.83 -14.25
C ALA B 223 9.00 10.10 -13.88
N PHE B 224 8.78 10.50 -12.63
CA PHE B 224 7.43 10.68 -12.09
C PHE B 224 7.21 12.14 -11.73
N ALA B 225 6.50 12.86 -12.60
CA ALA B 225 6.28 14.31 -12.41
C ALA B 225 5.76 14.68 -11.01
N ASP B 226 4.86 13.88 -10.47
CA ASP B 226 4.34 14.09 -9.12
C ASP B 226 5.48 14.11 -8.11
N LEU B 227 6.29 13.05 -8.12
CA LEU B 227 7.37 12.90 -7.16
C LEU B 227 8.51 13.89 -7.35
N ALA B 228 8.65 14.42 -8.57
CA ALA B 228 9.78 15.29 -8.88
C ALA B 228 9.72 16.60 -8.08
N GLU B 229 8.53 17.17 -7.99
CA GLU B 229 8.35 18.42 -7.26
C GLU B 229 8.61 18.22 -5.76
N VAL B 230 8.21 17.06 -5.25
CA VAL B 230 8.49 16.70 -3.86
C VAL B 230 10.01 16.62 -3.63
N MET B 231 10.71 15.94 -4.54
CA MET B 231 12.16 15.84 -4.43
C MET B 231 12.85 17.21 -4.48
N ALA B 232 12.33 18.09 -5.32
CA ALA B 232 12.80 19.46 -5.38
C ALA B 232 12.64 20.14 -4.03
N GLY B 233 11.51 19.88 -3.37
CA GLY B 233 11.27 20.48 -2.06
C GLY B 233 12.28 20.05 -1.02
N VAL B 234 12.73 18.80 -1.10
CA VAL B 234 13.71 18.29 -0.14
C VAL B 234 15.08 18.94 -0.38
N PHE B 235 15.47 19.05 -1.65
CA PHE B 235 16.72 19.74 -2.00
C PHE B 235 16.70 21.22 -1.58
N ALA B 236 15.53 21.84 -1.67
CA ALA B 236 15.37 23.21 -1.24
C ALA B 236 15.61 23.32 0.26
N ALA B 237 15.02 22.40 1.02
CA ALA B 237 15.17 22.41 2.48
C ALA B 237 16.64 22.26 2.89
N ARG B 238 17.41 21.57 2.05
CA ARG B 238 18.83 21.34 2.30
C ARG B 238 19.73 22.48 1.81
N ARG B 239 19.11 23.46 1.15
CA ARG B 239 19.84 24.57 0.54
C ARG B 239 20.78 24.12 -0.57
N SER B 240 20.43 23.03 -1.26
CA SER B 240 21.21 22.55 -2.40
C SER B 240 20.94 23.40 -3.64
N SER B 241 21.88 23.39 -4.58
CA SER B 241 21.67 23.99 -5.88
C SER B 241 21.48 22.88 -6.90
N VAL B 242 20.22 22.63 -7.27
CA VAL B 242 19.90 21.47 -8.08
C VAL B 242 18.93 21.83 -9.21
N LEU B 243 19.09 21.17 -10.35
CA LEU B 243 18.03 21.10 -11.34
C LEU B 243 17.39 19.72 -11.29
N VAL B 244 16.10 19.68 -10.98
CA VAL B 244 15.35 18.43 -11.05
C VAL B 244 14.64 18.40 -12.38
N VAL B 245 14.86 17.36 -13.15
CA VAL B 245 14.34 17.33 -14.52
C VAL B 245 13.42 16.16 -14.74
N HIS B 246 12.38 16.41 -15.52
CA HIS B 246 11.41 15.37 -15.88
C HIS B 246 11.17 15.49 -17.37
N GLY B 247 11.50 14.43 -18.12
CA GLY B 247 11.23 14.43 -19.53
C GLY B 247 9.73 14.42 -19.72
N ASP B 248 9.23 15.31 -20.57
CA ASP B 248 7.82 15.28 -20.94
C ASP B 248 7.58 14.10 -21.87
N ASP B 249 7.87 12.91 -21.35
CA ASP B 249 7.73 11.63 -22.04
C ASP B 249 8.08 10.55 -21.05
N GLY B 250 8.22 10.94 -19.78
CA GLY B 250 8.52 10.01 -18.71
C GLY B 250 9.98 9.58 -18.62
N LEU B 251 10.86 10.36 -19.24
CA LEU B 251 12.30 10.13 -19.09
C LEU B 251 12.82 10.90 -17.89
N ASP B 252 13.73 10.28 -17.15
CA ASP B 252 14.33 10.93 -15.98
C ASP B 252 15.63 11.63 -16.35
N GLU B 253 15.71 12.13 -17.57
CA GLU B 253 16.92 12.77 -18.06
C GLU B 253 16.54 13.61 -19.27
N LEU B 254 17.31 14.66 -19.53
CA LEU B 254 17.01 15.52 -20.67
C LEU B 254 17.35 14.81 -21.98
N THR B 255 16.52 14.99 -23.00
CA THR B 255 16.79 14.52 -24.35
C THR B 255 16.32 15.52 -25.41
N THR B 256 16.63 15.26 -26.66
CA THR B 256 16.18 16.13 -27.74
C THR B 256 14.85 15.64 -28.34
N THR B 257 14.19 14.72 -27.63
CA THR B 257 12.88 14.20 -28.02
C THR B 257 11.75 15.22 -27.82
N THR B 258 11.61 15.71 -26.60
CA THR B 258 10.55 16.69 -26.31
C THR B 258 11.02 17.79 -25.38
N THR B 259 10.07 18.65 -25.00
CA THR B 259 10.32 19.62 -23.95
C THR B 259 10.50 18.91 -22.61
N SER B 260 10.97 19.64 -21.62
CA SER B 260 11.16 19.08 -20.30
C SER B 260 10.67 20.06 -19.27
N THR B 261 10.34 19.52 -18.10
CA THR B 261 10.04 20.34 -16.95
C THR B 261 11.25 20.31 -16.05
N ILE B 262 11.68 21.49 -15.63
CA ILE B 262 12.82 21.58 -14.75
C ILE B 262 12.39 22.36 -13.55
N TRP B 263 12.67 21.82 -12.37
CA TRP B 263 12.54 22.59 -11.15
C TRP B 263 13.93 23.08 -10.79
N ARG B 264 14.12 24.39 -10.88
CA ARG B 264 15.40 25.00 -10.55
C ARG B 264 15.42 25.29 -9.07
N VAL B 265 16.30 24.61 -8.34
CA VAL B 265 16.37 24.78 -6.91
C VAL B 265 17.63 25.54 -6.50
N ALA B 266 17.44 26.67 -5.83
CA ALA B 266 18.55 27.39 -5.23
C ALA B 266 18.06 28.38 -4.16
N ALA B 267 18.95 28.71 -3.23
CA ALA B 267 18.64 29.68 -2.17
C ALA B 267 17.42 29.26 -1.35
N GLY B 268 17.20 27.96 -1.25
CA GLY B 268 16.07 27.43 -0.50
C GLY B 268 14.73 27.58 -1.21
N SER B 269 14.78 28.03 -2.47
CA SER B 269 13.55 28.26 -3.23
C SER B 269 13.49 27.46 -4.55
N VAL B 270 12.27 27.19 -5.02
CA VAL B 270 12.05 26.35 -6.18
C VAL B 270 11.28 27.07 -7.28
N ASP B 271 11.79 27.00 -8.51
CA ASP B 271 11.11 27.58 -9.67
C ASP B 271 10.81 26.51 -10.72
N LYS B 272 9.55 26.39 -11.09
CA LYS B 272 9.16 25.41 -12.10
C LYS B 272 9.26 26.02 -13.50
N LEU B 273 9.97 25.34 -14.40
CA LEU B 273 10.26 25.88 -15.72
C LEU B 273 10.05 24.87 -16.83
N THR B 274 9.59 25.34 -17.99
CA THR B 274 9.58 24.52 -19.18
C THR B 274 10.91 24.67 -19.89
N PHE B 275 11.38 23.58 -20.49
CA PHE B 275 12.68 23.56 -21.14
C PHE B 275 12.56 22.94 -22.52
N ASP B 276 12.87 23.72 -23.55
CA ASP B 276 12.79 23.23 -24.93
C ASP B 276 14.18 23.27 -25.59
N PRO B 277 14.77 22.09 -25.84
CA PRO B 277 16.08 21.94 -26.48
C PRO B 277 16.16 22.65 -27.83
N ALA B 278 15.08 22.61 -28.61
CA ALA B 278 15.01 23.28 -29.90
C ALA B 278 15.43 24.74 -29.78
N GLY B 279 15.11 25.36 -28.66
CA GLY B 279 15.48 26.74 -28.40
C GLY B 279 16.98 26.96 -28.34
N PHE B 280 17.74 25.86 -28.36
CA PHE B 280 19.20 25.94 -28.34
C PHE B 280 19.81 25.48 -29.66
N GLY B 281 18.97 25.04 -30.58
CA GLY B 281 19.41 24.68 -31.91
C GLY B 281 19.46 23.19 -32.10
N PHE B 282 19.07 22.44 -31.07
CA PHE B 282 19.05 20.99 -31.19
C PHE B 282 17.92 20.53 -32.08
N ALA B 283 18.24 19.60 -32.97
CA ALA B 283 17.21 18.96 -33.77
C ALA B 283 16.42 18.04 -32.86
N ARG B 284 15.16 17.79 -33.21
CA ARG B 284 14.36 16.85 -32.44
C ARG B 284 14.71 15.44 -32.92
N ALA B 285 14.89 14.51 -31.98
CA ALA B 285 15.17 13.13 -32.36
C ALA B 285 14.05 12.17 -31.93
N GLN B 286 14.12 10.93 -32.42
CA GLN B 286 13.17 9.91 -32.00
C GLN B 286 13.77 9.10 -30.86
N LEU B 287 12.94 8.66 -29.92
CA LEU B 287 13.42 7.87 -28.79
C LEU B 287 14.12 6.59 -29.25
N ASP B 288 13.68 6.05 -30.39
CA ASP B 288 14.29 4.87 -30.99
C ASP B 288 15.80 5.04 -31.24
N GLN B 289 16.22 6.29 -31.40
CA GLN B 289 17.63 6.59 -31.69
C GLN B 289 18.49 6.57 -30.42
N LEU B 290 17.82 6.41 -29.28
CA LEU B 290 18.51 6.34 -27.99
C LEU B 290 18.42 4.92 -27.44
N ALA B 291 18.05 3.98 -28.32
CA ALA B 291 17.87 2.58 -27.94
C ALA B 291 19.06 2.01 -27.18
N GLY B 292 18.78 1.32 -26.08
CA GLY B 292 19.80 0.68 -25.28
C GLY B 292 20.10 -0.74 -25.73
N GLY B 293 21.02 -1.36 -25.02
CA GLY B 293 21.39 -2.74 -25.28
C GLY B 293 22.10 -3.27 -24.06
N ASP B 294 22.89 -4.31 -24.24
CA ASP B 294 23.68 -4.87 -23.15
C ASP B 294 24.72 -3.87 -22.66
N ALA B 295 25.35 -4.17 -21.54
CA ALA B 295 26.36 -3.28 -20.97
C ALA B 295 27.46 -2.96 -21.98
N GLN B 296 27.76 -3.92 -22.86
CA GLN B 296 28.80 -3.75 -23.88
C GLN B 296 28.35 -2.81 -25.01
N ALA B 297 27.04 -2.78 -25.27
CA ALA B 297 26.49 -1.85 -26.24
C ALA B 297 26.60 -0.42 -25.70
N ASN B 298 26.23 -0.23 -24.45
CA ASN B 298 26.36 1.07 -23.80
C ASN B 298 27.82 1.52 -23.76
N ALA B 299 28.72 0.58 -23.49
CA ALA B 299 30.16 0.86 -23.51
C ALA B 299 30.57 1.39 -24.89
N ALA B 300 30.08 0.75 -25.95
CA ALA B 300 30.43 1.18 -27.30
C ALA B 300 29.90 2.59 -27.59
N ALA B 301 28.70 2.90 -27.11
CA ALA B 301 28.13 4.23 -27.33
C ALA B 301 28.93 5.29 -26.57
N VAL B 302 29.38 4.93 -25.38
CA VAL B 302 30.21 5.84 -24.58
C VAL B 302 31.48 6.18 -25.36
N ARG B 303 32.17 5.16 -25.85
CA ARG B 303 33.41 5.37 -26.57
C ARG B 303 33.18 6.22 -27.82
N ALA B 304 32.05 6.00 -28.47
CA ALA B 304 31.71 6.73 -29.68
C ALA B 304 31.54 8.20 -29.34
N VAL B 305 30.71 8.47 -28.35
CA VAL B 305 30.44 9.85 -27.94
C VAL B 305 31.70 10.60 -27.44
N LEU B 306 32.48 9.97 -26.56
CA LEU B 306 33.68 10.64 -26.03
C LEU B 306 34.73 10.86 -27.13
N GLY B 307 34.61 10.09 -28.19
CA GLY B 307 35.51 10.23 -29.33
C GLY B 307 35.04 11.29 -30.31
N GLY B 308 33.94 11.95 -29.99
CA GLY B 308 33.47 13.06 -30.80
C GLY B 308 32.35 12.78 -31.78
N ALA B 309 31.82 11.56 -31.79
CA ALA B 309 30.72 11.21 -32.70
C ALA B 309 29.51 12.12 -32.49
N ARG B 310 28.96 12.63 -33.59
CA ARG B 310 27.82 13.53 -33.49
C ARG B 310 26.54 12.72 -33.62
N GLY B 311 25.43 13.29 -33.17
CA GLY B 311 24.16 12.59 -33.18
C GLY B 311 23.32 12.91 -31.95
N PRO B 312 22.14 12.29 -31.84
CA PRO B 312 21.23 12.58 -30.73
C PRO B 312 21.75 12.12 -29.37
N VAL B 313 22.54 11.05 -29.34
CA VAL B 313 23.14 10.60 -28.09
C VAL B 313 24.09 11.66 -27.55
N ARG B 314 24.98 12.17 -28.40
CA ARG B 314 25.82 13.31 -28.02
C ARG B 314 24.98 14.50 -27.57
N ASP B 315 23.94 14.83 -28.33
CA ASP B 315 23.14 16.00 -27.96
C ASP B 315 22.55 15.86 -26.55
N ALA B 316 22.05 14.66 -26.25
CA ALA B 316 21.46 14.37 -24.96
C ALA B 316 22.51 14.38 -23.83
N VAL B 317 23.68 13.81 -24.09
CA VAL B 317 24.77 13.90 -23.14
C VAL B 317 25.15 15.35 -22.84
N VAL B 318 25.28 16.16 -23.89
CA VAL B 318 25.63 17.57 -23.73
C VAL B 318 24.56 18.35 -22.93
N LEU B 319 23.29 18.05 -23.16
CA LEU B 319 22.21 18.70 -22.41
C LEU B 319 22.25 18.41 -20.92
N ASN B 320 22.36 17.13 -20.57
CA ASN B 320 22.41 16.75 -19.17
C ASN B 320 23.69 17.26 -18.49
N ALA B 321 24.84 17.13 -19.16
CA ALA B 321 26.06 17.72 -18.61
C ALA B 321 25.93 19.22 -18.37
N ALA B 322 25.42 19.94 -19.37
CA ALA B 322 25.26 21.39 -19.22
C ALA B 322 24.35 21.70 -18.04
N GLY B 323 23.30 20.90 -17.89
CA GLY B 323 22.40 21.06 -16.76
C GLY B 323 23.09 20.93 -15.42
N ALA B 324 24.01 19.96 -15.30
CA ALA B 324 24.76 19.80 -14.06
C ALA B 324 25.70 20.99 -13.85
N ILE B 325 26.25 21.51 -14.93
CA ILE B 325 27.18 22.62 -14.84
C ILE B 325 26.46 23.89 -14.38
N VAL B 326 25.23 24.06 -14.89
CA VAL B 326 24.37 25.16 -14.47
C VAL B 326 24.01 25.06 -12.97
N ALA B 327 23.68 23.86 -12.53
CA ALA B 327 23.44 23.64 -11.10
C ALA B 327 24.67 23.98 -10.26
N HIS B 328 25.83 23.57 -10.74
CA HIS B 328 27.10 23.87 -10.08
C HIS B 328 27.30 25.38 -10.00
N ALA B 329 27.00 26.08 -11.08
CA ALA B 329 27.11 27.54 -11.08
C ALA B 329 26.21 28.16 -10.00
N GLY B 330 25.05 27.55 -9.79
CA GLY B 330 24.11 28.01 -8.78
C GLY B 330 24.60 28.03 -7.34
N LEU B 331 25.70 27.34 -7.07
CA LEU B 331 26.30 27.31 -5.73
C LEU B 331 26.93 28.64 -5.33
N SER B 332 27.48 29.36 -6.30
CA SER B 332 28.30 30.53 -5.98
C SER B 332 27.72 31.81 -6.53
N SER B 333 26.62 31.70 -7.28
CA SER B 333 26.00 32.89 -7.85
C SER B 333 24.59 32.66 -8.36
N ARG B 334 23.77 33.69 -8.26
CA ARG B 334 22.49 33.72 -8.97
C ARG B 334 22.82 34.08 -10.41
N ALA B 335 22.38 33.24 -11.35
CA ALA B 335 22.79 33.40 -12.74
C ALA B 335 21.60 33.39 -13.67
N GLU B 336 21.69 34.14 -14.77
CA GLU B 336 20.60 34.19 -15.73
C GLU B 336 20.44 32.84 -16.44
N TRP B 337 19.20 32.37 -16.48
CA TRP B 337 18.87 31.04 -17.00
C TRP B 337 19.47 30.69 -18.37
N LEU B 338 19.12 31.47 -19.40
CA LEU B 338 19.61 31.18 -20.75
C LEU B 338 21.14 31.36 -20.97
N PRO B 339 21.75 32.41 -20.39
CA PRO B 339 23.22 32.53 -20.44
C PRO B 339 23.96 31.42 -19.71
N ALA B 340 23.52 31.09 -18.49
CA ALA B 340 24.10 29.98 -17.75
C ALA B 340 24.08 28.71 -18.61
N TRP B 341 22.94 28.46 -19.25
CA TRP B 341 22.80 27.30 -20.14
C TRP B 341 23.73 27.33 -21.35
N GLU B 342 23.81 28.49 -22.01
CA GLU B 342 24.72 28.62 -23.15
C GLU B 342 26.15 28.28 -22.74
N GLU B 343 26.61 28.83 -21.61
CA GLU B 343 27.96 28.55 -21.14
CA GLU B 343 27.95 28.57 -21.09
C GLU B 343 28.13 27.10 -20.68
N GLY B 344 27.11 26.54 -20.07
CA GLY B 344 27.14 25.14 -19.70
C GLY B 344 27.22 24.25 -20.94
N LEU B 345 26.41 24.57 -21.95
CA LEU B 345 26.46 23.80 -23.20
C LEU B 345 27.84 23.90 -23.87
N ARG B 346 28.40 25.10 -23.89
CA ARG B 346 29.71 25.31 -24.49
C ARG B 346 30.79 24.53 -23.73
N ARG B 347 30.70 24.54 -22.40
CA ARG B 347 31.69 23.84 -21.57
C ARG B 347 31.61 22.33 -21.75
N ALA B 348 30.39 21.80 -21.82
CA ALA B 348 30.21 20.38 -22.05
C ALA B 348 30.75 19.98 -23.42
N SER B 349 30.45 20.81 -24.42
CA SER B 349 30.92 20.57 -25.77
C SER B 349 32.43 20.57 -25.87
N ALA B 350 33.07 21.57 -25.27
CA ALA B 350 34.52 21.66 -25.31
C ALA B 350 35.13 20.46 -24.57
N ALA B 351 34.48 19.98 -23.50
CA ALA B 351 35.08 18.87 -22.73
C ALA B 351 35.21 17.67 -23.62
N ILE B 352 34.19 17.44 -24.45
CA ILE B 352 34.29 16.38 -25.43
C ILE B 352 35.31 16.70 -26.51
N ASP B 353 35.16 17.86 -27.15
CA ASP B 353 35.90 18.16 -28.38
C ASP B 353 37.39 18.40 -28.16
N THR B 354 37.77 18.80 -26.95
CA THR B 354 39.19 18.93 -26.62
C THR B 354 39.84 17.56 -26.37
N GLY B 355 39.01 16.51 -26.29
CA GLY B 355 39.51 15.19 -25.93
C GLY B 355 39.55 15.00 -24.42
N ALA B 356 39.18 16.04 -23.69
CA ALA B 356 39.22 15.96 -22.22
C ALA B 356 38.36 14.84 -21.63
N ALA B 357 37.18 14.62 -22.17
CA ALA B 357 36.30 13.59 -21.58
C ALA B 357 36.86 12.18 -21.80
N GLU B 358 37.29 11.91 -23.03
CA GLU B 358 37.91 10.63 -23.36
C GLU B 358 39.13 10.41 -22.48
N GLN B 359 39.93 11.47 -22.29
CA GLN B 359 41.12 11.37 -21.48
C GLN B 359 40.78 11.13 -20.01
N LEU B 360 39.68 11.72 -19.53
CA LEU B 360 39.35 11.54 -18.12
C LEU B 360 38.91 10.10 -17.90
N LEU B 361 38.13 9.56 -18.82
CA LEU B 361 37.71 8.16 -18.68
C LEU B 361 38.94 7.25 -18.64
N ALA B 362 39.93 7.52 -19.48
CA ALA B 362 41.13 6.71 -19.43
C ALA B 362 41.87 6.88 -18.10
N ARG B 363 41.87 8.10 -17.55
CA ARG B 363 42.55 8.30 -16.27
C ARG B 363 41.84 7.59 -15.13
N TRP B 364 40.52 7.49 -15.26
CA TRP B 364 39.67 6.82 -14.28
C TRP B 364 39.94 5.31 -14.29
N VAL B 365 40.01 4.74 -15.48
CA VAL B 365 40.37 3.33 -15.64
C VAL B 365 41.77 3.06 -15.11
N ARG B 366 42.72 3.94 -15.44
CA ARG B 366 44.08 3.83 -14.97
C ARG B 366 44.15 3.82 -13.43
N PHE B 367 43.44 4.75 -12.81
CA PHE B 367 43.35 4.81 -11.35
C PHE B 367 42.88 3.46 -10.78
N GLY B 368 41.81 2.91 -11.34
CA GLY B 368 41.29 1.64 -10.87
C GLY B 368 42.30 0.50 -10.94
N ARG B 369 43.09 0.48 -12.00
CA ARG B 369 44.09 -0.56 -12.20
C ARG B 369 45.26 -0.43 -11.23
N GLN B 370 45.50 0.78 -10.73
CA GLN B 370 46.60 1.02 -9.80
C GLN B 370 46.30 0.49 -8.41
N ILE B 371 45.04 0.17 -8.15
CA ILE B 371 44.63 -0.19 -6.80
C ILE B 371 45.32 -1.47 -6.34
N LEU B 372 45.35 -2.47 -7.21
CA LEU B 372 45.96 -3.77 -6.92
C LEU B 372 47.36 -3.68 -6.30
N GLU B 373 48.25 -2.90 -6.90
CA GLU B 373 49.64 -2.80 -6.44
C GLU B 373 49.79 -2.20 -5.04
#